data_9QOW
#
_entry.id   9QOW
#
_cell.length_a   77.767
_cell.length_b   64.388
_cell.length_c   74.064
_cell.angle_alpha   90.00
_cell.angle_beta   91.44
_cell.angle_gamma   90.00
#
_symmetry.space_group_name_H-M   'P 1 21 1'
#
loop_
_entity.id
_entity.type
_entity.pdbx_description
1 polymer "APH(2'')-Id"
2 non-polymer 'DIMETHYL SULFOXIDE'
3 non-polymer 2-[4-(5-chloranyl-1~{H}-pyrrolo[2,3-b]pyridin-4-yl)-1,2,3-triazol-1-yl]ethanamide
4 water water
#
_entity_poly.entity_id   1
_entity_poly.type   'polypeptide(L)'
_entity_poly.pdbx_seq_one_letter_code
;MGSSHHHHHHSSGLVPRGSHMRTYTFDQVEKAIEQLYPDFTINTIEISGEGNDCIAYEINRDFIFKFPKHSRGSTNLFNE
VNILKRIHNKLPLPIPEVVFTGMPSETYQMSFAGFTKIKGVPLTPLLLNNLPKQSQNQAAKDLARFLSELHSINISGFKS
NLVLDFREKINEDNKKIKKLLSRELKGPQMKKVDDFYRDILENEIYFKYYPCLIHNDFSSDHILFDTEKNTICGIIDFGD
AAISDPDNDFISLMEDDEEYGMEFVSKILNHYKHKDIPTVLEKYRMKEKYWSFEKIIYGKEYGYMDWYEEGLNEIRSIKI
K
;
_entity_poly.pdbx_strand_id   B,A
#
loop_
_chem_comp.id
_chem_comp.type
_chem_comp.name
_chem_comp.formula
A1I8X non-polymer 2-[4-(5-chloranyl-1~{H}-pyrrolo[2,3-b]pyridin-4-yl)-1,2,3-triazol-1-yl]ethanamide 'C11 H9 Cl N6 O'
DMS non-polymer 'DIMETHYL SULFOXIDE' 'C2 H6 O S'
#
# COMPACT_ATOMS: atom_id res chain seq x y z
N MET A 21 29.75 -9.16 24.76
CA MET A 21 29.80 -10.53 24.23
C MET A 21 31.14 -11.22 24.52
N ARG A 22 31.17 -12.52 24.21
CA ARG A 22 32.34 -13.35 24.49
C ARG A 22 32.46 -14.40 23.40
N THR A 23 33.26 -15.44 23.65
CA THR A 23 33.44 -16.46 22.62
C THR A 23 34.19 -17.62 23.27
N TYR A 24 34.05 -18.80 22.65
CA TYR A 24 34.57 -20.04 23.20
C TYR A 24 35.29 -20.85 22.15
N THR A 25 36.44 -21.37 22.52
CA THR A 25 37.09 -22.43 21.76
C THR A 25 36.27 -23.71 21.83
N PHE A 26 36.49 -24.58 20.83
CA PHE A 26 35.86 -25.89 20.85
C PHE A 26 36.12 -26.62 22.17
N ASP A 27 37.38 -26.67 22.62
CA ASP A 27 37.72 -27.38 23.85
C ASP A 27 36.95 -26.83 25.04
N GLN A 28 36.71 -25.51 25.05
CA GLN A 28 35.93 -24.91 26.13
C GLN A 28 34.50 -25.43 26.13
N VAL A 29 33.90 -25.61 24.96
CA VAL A 29 32.53 -26.14 24.87
C VAL A 29 32.48 -27.56 25.40
N GLU A 30 33.43 -28.38 24.95
CA GLU A 30 33.47 -29.79 25.30
C GLU A 30 33.64 -29.98 26.80
N LYS A 31 34.54 -29.21 27.42
CA LYS A 31 34.78 -29.37 28.85
C LYS A 31 33.60 -28.89 29.68
N ALA A 32 32.86 -27.89 29.18
CA ALA A 32 31.63 -27.47 29.85
C ALA A 32 30.56 -28.55 29.77
N ILE A 33 30.53 -29.29 28.66
CA ILE A 33 29.54 -30.35 28.53
C ILE A 33 29.97 -31.57 29.34
N GLU A 34 31.27 -31.91 29.28
CA GLU A 34 31.75 -33.08 30.03
C GLU A 34 31.48 -32.89 31.52
N GLN A 35 31.88 -31.74 32.05
CA GLN A 35 31.66 -31.42 33.45
C GLN A 35 30.28 -31.84 33.94
N LEU A 36 29.25 -31.24 33.34
CA LEU A 36 27.88 -31.51 33.71
C LEU A 36 27.35 -32.82 33.16
N TYR A 37 28.01 -33.45 32.20
CA TYR A 37 27.51 -34.68 31.57
C TYR A 37 28.66 -35.63 31.34
N PRO A 38 29.18 -36.23 32.41
CA PRO A 38 30.40 -37.05 32.30
C PRO A 38 30.18 -38.39 31.62
N ASP A 39 28.95 -38.90 31.56
CA ASP A 39 28.74 -40.14 30.82
C ASP A 39 28.62 -39.88 29.32
N PHE A 40 28.42 -38.63 28.92
CA PHE A 40 28.19 -38.27 27.53
C PHE A 40 29.51 -38.03 26.84
N THR A 41 29.99 -39.01 26.09
CA THR A 41 31.22 -38.83 25.36
C THR A 41 30.90 -38.19 24.00
N ILE A 42 31.62 -37.08 23.68
CA ILE A 42 31.49 -36.37 22.41
C ILE A 42 32.50 -36.93 21.40
N ASN A 43 32.07 -37.06 20.14
CA ASN A 43 32.92 -37.54 19.06
C ASN A 43 33.11 -36.51 17.96
N THR A 44 32.02 -35.93 17.49
CA THR A 44 32.01 -34.89 16.47
C THR A 44 31.48 -33.59 17.04
N ILE A 45 32.17 -32.50 16.74
CA ILE A 45 31.67 -31.18 17.11
C ILE A 45 31.96 -30.14 16.04
N GLU A 46 30.91 -29.50 15.56
CA GLU A 46 31.02 -28.41 14.62
C GLU A 46 30.26 -27.20 15.13
N ILE A 47 30.71 -26.05 14.67
CA ILE A 47 29.92 -24.84 14.74
C ILE A 47 28.76 -24.99 13.77
N SER A 48 27.54 -24.94 14.28
CA SER A 48 26.37 -25.07 13.41
C SER A 48 25.90 -23.70 12.93
N GLY A 49 25.72 -22.78 13.86
CA GLY A 49 25.26 -21.43 13.57
C GLY A 49 25.86 -20.47 14.59
N GLU A 50 25.71 -19.18 14.30
CA GLU A 50 26.10 -18.08 15.18
C GLU A 50 25.04 -17.00 15.03
N GLY A 51 24.18 -16.85 16.03
CA GLY A 51 23.23 -15.76 16.07
C GLY A 51 23.80 -14.57 16.81
N ASN A 52 22.92 -13.60 17.09
CA ASN A 52 23.29 -12.50 17.98
C ASN A 52 23.44 -12.96 19.42
N ASP A 53 22.57 -13.86 19.90
CA ASP A 53 22.57 -14.29 21.29
C ASP A 53 23.53 -15.46 21.56
N CYS A 54 23.43 -16.54 20.77
CA CYS A 54 24.12 -17.80 21.07
C CYS A 54 24.94 -18.26 19.87
N ILE A 55 25.96 -19.06 20.17
CA ILE A 55 26.58 -19.90 19.16
C ILE A 55 25.94 -21.28 19.26
N ALA A 56 25.57 -21.85 18.12
CA ALA A 56 25.03 -23.20 18.10
C ALA A 56 26.09 -24.17 17.60
N TYR A 57 26.20 -25.31 18.28
CA TYR A 57 27.16 -26.37 17.99
C TYR A 57 26.41 -27.66 17.70
N GLU A 58 26.81 -28.33 16.62
CA GLU A 58 26.28 -29.65 16.32
C GLU A 58 27.24 -30.68 16.92
N ILE A 59 26.70 -31.55 17.76
CA ILE A 59 27.52 -32.46 18.55
C ILE A 59 27.03 -33.87 18.30
N ASN A 60 27.91 -34.72 17.79
CA ASN A 60 27.57 -36.11 17.49
C ASN A 60 26.51 -36.21 16.40
N ARG A 61 26.42 -35.20 15.54
CA ARG A 61 25.54 -35.15 14.38
C ARG A 61 24.06 -35.15 14.74
N ASP A 62 23.70 -35.04 16.04
CA ASP A 62 22.32 -35.23 16.46
C ASP A 62 21.83 -34.20 17.48
N PHE A 63 22.69 -33.34 18.01
CA PHE A 63 22.32 -32.41 19.05
C PHE A 63 22.81 -31.04 18.65
N ILE A 64 22.03 -30.01 18.94
CA ILE A 64 22.48 -28.63 18.82
C ILE A 64 22.66 -28.07 20.22
N PHE A 65 23.85 -27.53 20.49
CA PHE A 65 24.20 -26.98 21.79
C PHE A 65 24.31 -25.47 21.63
N LYS A 66 23.41 -24.76 22.30
CA LYS A 66 23.47 -23.32 22.32
C LYS A 66 24.36 -22.87 23.47
N PHE A 67 25.32 -22.00 23.16
CA PHE A 67 26.20 -21.36 24.13
C PHE A 67 25.99 -19.86 24.04
N PRO A 68 25.71 -19.19 25.16
CA PRO A 68 25.38 -17.76 25.09
C PRO A 68 26.63 -16.90 24.94
N LYS A 69 26.47 -15.80 24.20
CA LYS A 69 27.59 -14.89 24.05
C LYS A 69 27.63 -13.84 25.14
N HIS A 70 26.52 -13.61 25.84
CA HIS A 70 26.41 -12.50 26.78
C HIS A 70 25.22 -12.75 27.70
N SER A 71 25.22 -12.03 28.81
CA SER A 71 24.18 -12.22 29.83
C SER A 71 22.78 -12.15 29.22
N ARG A 72 22.53 -11.16 28.37
CA ARG A 72 21.20 -11.05 27.77
C ARG A 72 20.82 -12.32 27.04
N GLY A 73 21.79 -12.96 26.39
CA GLY A 73 21.48 -14.14 25.60
C GLY A 73 21.27 -15.39 26.42
N SER A 74 21.94 -15.49 27.57
CA SER A 74 21.78 -16.65 28.44
C SER A 74 20.41 -16.66 29.12
N THR A 75 19.83 -15.49 29.41
CA THR A 75 18.45 -15.54 29.89
C THR A 75 17.48 -15.82 28.73
N ASN A 76 17.87 -15.54 27.49
CA ASN A 76 17.05 -16.01 26.38
C ASN A 76 17.18 -17.51 26.22
N LEU A 77 18.35 -18.05 26.55
CA LEU A 77 18.55 -19.49 26.49
C LEU A 77 17.85 -20.17 27.66
N PHE A 78 17.92 -19.58 28.85
CA PHE A 78 17.09 -20.02 29.98
C PHE A 78 15.63 -20.06 29.59
N ASN A 79 15.12 -18.97 29.02
CA ASN A 79 13.69 -18.92 28.75
C ASN A 79 13.32 -19.91 27.66
N GLU A 80 14.17 -20.04 26.63
CA GLU A 80 13.90 -20.99 25.55
C GLU A 80 13.73 -22.40 26.10
N VAL A 81 14.74 -22.92 26.80
CA VAL A 81 14.62 -24.19 27.53
C VAL A 81 13.29 -24.31 28.24
N ASN A 82 12.97 -23.32 29.06
CA ASN A 82 11.81 -23.41 29.92
C ASN A 82 10.54 -23.46 29.08
N ILE A 83 10.52 -22.69 27.99
CA ILE A 83 9.34 -22.66 27.14
C ILE A 83 9.21 -23.97 26.36
N LEU A 84 10.32 -24.50 25.86
CA LEU A 84 10.28 -25.77 25.13
C LEU A 84 9.83 -26.91 26.04
N LYS A 85 10.45 -27.03 27.22
CA LYS A 85 10.03 -28.06 28.16
C LYS A 85 8.54 -27.98 28.43
N ARG A 86 8.00 -26.75 28.53
CA ARG A 86 6.61 -26.60 28.96
C ARG A 86 5.63 -26.76 27.81
N ILE A 87 6.04 -26.49 26.56
CA ILE A 87 5.22 -26.79 25.38
C ILE A 87 5.61 -28.11 24.70
N HIS A 88 6.59 -28.85 25.25
CA HIS A 88 6.88 -30.22 24.81
C HIS A 88 5.65 -30.95 24.30
N ASN A 89 5.67 -31.37 23.03
CA ASN A 89 4.69 -32.29 22.48
C ASN A 89 3.32 -31.67 22.25
N LYS A 90 3.19 -30.35 22.27
CA LYS A 90 1.88 -29.74 22.10
C LYS A 90 1.63 -29.18 20.71
N LEU A 91 2.56 -29.03 20.00
CA LEU A 91 2.50 -28.33 18.73
C LEU A 91 2.44 -29.30 17.55
N PRO A 92 1.87 -28.85 16.44
CA PRO A 92 1.68 -29.74 15.30
C PRO A 92 2.87 -29.81 14.36
N LEU A 93 3.97 -29.13 14.69
CA LEU A 93 5.24 -29.21 13.98
C LEU A 93 6.37 -29.52 14.95
N PRO A 94 7.33 -30.35 14.54
CA PRO A 94 8.46 -30.69 15.41
C PRO A 94 9.19 -29.45 15.91
N ILE A 95 9.55 -29.46 17.19
CA ILE A 95 10.31 -28.35 17.77
C ILE A 95 11.43 -28.98 18.59
N PRO A 96 12.46 -28.24 18.97
CA PRO A 96 13.58 -28.88 19.66
C PRO A 96 13.14 -29.44 21.00
N GLU A 97 13.66 -30.61 21.35
CA GLU A 97 13.44 -31.14 22.67
C GLU A 97 14.70 -30.93 23.50
N VAL A 98 14.54 -30.49 24.74
CA VAL A 98 15.67 -30.22 25.62
C VAL A 98 16.19 -31.55 26.15
N VAL A 99 17.49 -31.79 25.97
CA VAL A 99 18.12 -33.02 26.41
C VAL A 99 19.23 -32.75 27.41
N PHE A 100 19.94 -31.64 27.26
CA PHE A 100 21.02 -31.27 28.14
C PHE A 100 20.82 -29.83 28.53
N THR A 101 21.15 -29.48 29.76
CA THR A 101 21.14 -28.09 30.21
C THR A 101 22.35 -27.81 31.07
N GLY A 102 22.89 -26.62 30.94
CA GLY A 102 23.99 -26.17 31.76
C GLY A 102 23.49 -25.62 33.08
N MET A 103 24.30 -24.76 33.67
CA MET A 103 24.04 -24.27 35.01
C MET A 103 24.10 -22.76 34.99
N PRO A 104 23.41 -22.10 35.91
CA PRO A 104 23.65 -20.67 36.12
C PRO A 104 25.05 -20.44 36.65
N SER A 105 25.65 -19.34 36.22
CA SER A 105 27.00 -18.98 36.65
C SER A 105 26.99 -17.54 37.19
N GLU A 106 28.14 -16.88 37.13
CA GLU A 106 28.22 -15.46 37.40
C GLU A 106 27.76 -14.71 36.15
N THR A 107 26.69 -13.92 36.31
CA THR A 107 26.02 -13.11 35.28
C THR A 107 25.35 -13.93 34.17
N TYR A 108 25.42 -15.26 34.22
CA TYR A 108 24.79 -16.12 33.20
C TYR A 108 23.74 -17.01 33.86
N GLN A 109 22.47 -16.77 33.53
CA GLN A 109 21.38 -17.59 34.07
C GLN A 109 21.50 -19.03 33.62
N MET A 110 22.05 -19.24 32.43
CA MET A 110 22.20 -20.55 31.81
C MET A 110 23.52 -20.56 31.05
N SER A 111 24.41 -21.48 31.38
CA SER A 111 25.68 -21.51 30.68
C SER A 111 25.53 -22.09 29.29
N PHE A 112 24.67 -23.10 29.14
CA PHE A 112 24.45 -23.72 27.82
C PHE A 112 23.19 -24.56 27.93
N ALA A 113 22.81 -25.14 26.78
CA ALA A 113 21.68 -26.04 26.61
C ALA A 113 21.88 -26.85 25.34
N GLY A 114 21.52 -28.15 25.40
CA GLY A 114 21.56 -29.05 24.27
C GLY A 114 20.16 -29.52 23.91
N PHE A 115 19.84 -29.46 22.63
CA PHE A 115 18.52 -29.82 22.14
C PHE A 115 18.69 -30.91 21.09
N THR A 116 17.60 -31.60 20.83
CA THR A 116 17.52 -32.51 19.70
C THR A 116 17.64 -31.75 18.38
N LYS A 117 18.38 -32.33 17.44
CA LYS A 117 18.54 -31.75 16.10
C LYS A 117 17.28 -32.01 15.27
N ILE A 118 16.60 -30.93 14.84
CA ILE A 118 15.49 -30.99 13.87
C ILE A 118 16.09 -31.03 12.46
N LYS A 119 15.72 -32.03 11.67
CA LYS A 119 16.17 -32.10 10.29
C LYS A 119 15.47 -31.06 9.41
N GLY A 120 15.97 -30.89 8.20
CA GLY A 120 15.41 -29.93 7.27
C GLY A 120 16.31 -28.71 7.10
N VAL A 121 16.19 -28.09 5.92
CA VAL A 121 16.86 -26.82 5.61
C VAL A 121 15.85 -25.68 5.76
N PRO A 122 16.27 -24.43 5.97
CA PRO A 122 15.29 -23.35 6.10
C PRO A 122 14.46 -23.16 4.84
N LEU A 123 13.21 -22.75 5.07
CA LEU A 123 12.27 -22.46 3.98
C LEU A 123 12.48 -20.99 3.59
N THR A 124 13.47 -20.77 2.72
CA THR A 124 13.80 -19.43 2.30
C THR A 124 12.77 -18.92 1.28
N PRO A 125 12.62 -17.61 1.18
CA PRO A 125 11.75 -17.07 0.11
C PRO A 125 12.09 -17.62 -1.27
N LEU A 126 13.38 -17.86 -1.58
CA LEU A 126 13.73 -18.45 -2.87
C LEU A 126 13.29 -19.90 -2.94
N LEU A 127 13.54 -20.64 -1.87
CA LEU A 127 13.10 -22.03 -1.80
C LEU A 127 11.59 -22.12 -2.02
N LEU A 128 10.83 -21.27 -1.31
CA LEU A 128 9.37 -21.29 -1.41
C LEU A 128 8.90 -20.91 -2.81
N ASN A 129 9.38 -19.79 -3.36
CA ASN A 129 8.92 -19.34 -4.68
C ASN A 129 9.27 -20.34 -5.79
N ASN A 130 10.19 -21.28 -5.53
CA ASN A 130 10.51 -22.37 -6.44
C ASN A 130 9.65 -23.61 -6.23
N LEU A 131 8.86 -23.69 -5.16
CA LEU A 131 7.99 -24.82 -4.91
C LEU A 131 6.79 -24.80 -5.85
N PRO A 132 6.15 -25.96 -6.08
CA PRO A 132 4.88 -25.96 -6.82
C PRO A 132 3.81 -25.18 -6.07
N LYS A 133 2.80 -24.71 -6.81
CA LYS A 133 1.78 -23.85 -6.22
C LYS A 133 1.02 -24.59 -5.14
N GLN A 134 0.80 -25.89 -5.33
CA GLN A 134 0.23 -26.71 -4.27
C GLN A 134 1.07 -26.56 -3.01
N SER A 135 2.34 -26.98 -3.10
CA SER A 135 3.17 -27.00 -1.90
C SER A 135 3.30 -25.64 -1.25
N GLN A 136 3.12 -24.57 -2.01
CA GLN A 136 3.14 -23.25 -1.40
C GLN A 136 1.90 -23.05 -0.54
N ASN A 137 0.75 -23.48 -1.04
CA ASN A 137 -0.50 -23.33 -0.28
C ASN A 137 -0.54 -24.26 0.93
N GLN A 138 0.09 -25.43 0.81
CA GLN A 138 0.27 -26.31 1.97
C GLN A 138 1.17 -25.66 3.01
N ALA A 139 2.30 -25.10 2.60
CA ALA A 139 3.19 -24.45 3.56
C ALA A 139 2.44 -23.40 4.38
N ALA A 140 1.56 -22.62 3.74
CA ALA A 140 0.86 -21.58 4.48
C ALA A 140 -0.17 -22.19 5.42
N LYS A 141 -0.86 -23.22 4.95
CA LYS A 141 -1.74 -24.01 5.81
C LYS A 141 -0.97 -24.53 7.03
N ASP A 142 0.19 -25.14 6.80
CA ASP A 142 0.92 -25.72 7.92
C ASP A 142 1.34 -24.64 8.93
N LEU A 143 1.83 -23.50 8.46
CA LEU A 143 2.22 -22.44 9.38
C LEU A 143 1.00 -21.88 10.11
N ALA A 144 -0.14 -21.82 9.44
CA ALA A 144 -1.33 -21.33 10.10
C ALA A 144 -1.69 -22.23 11.27
N ARG A 145 -1.79 -23.55 11.01
CA ARG A 145 -2.14 -24.46 12.08
C ARG A 145 -1.10 -24.41 13.19
N PHE A 146 0.18 -24.29 12.85
CA PHE A 146 1.20 -24.18 13.87
C PHE A 146 0.97 -22.94 14.75
N LEU A 147 0.88 -21.76 14.13
CA LEU A 147 0.67 -20.55 14.92
C LEU A 147 -0.68 -20.57 15.61
N SER A 148 -1.66 -21.26 15.03
CA SER A 148 -2.98 -21.33 15.64
C SER A 148 -2.94 -22.17 16.91
N GLU A 149 -2.27 -23.30 16.85
CA GLU A 149 -2.07 -24.07 18.08
C GLU A 149 -1.26 -23.26 19.06
N LEU A 150 -0.07 -22.80 18.65
CA LEU A 150 0.84 -22.12 19.57
C LEU A 150 0.11 -21.03 20.35
N HIS A 151 -0.63 -20.17 19.62
CA HIS A 151 -1.35 -19.04 20.21
C HIS A 151 -2.50 -19.47 21.13
N SER A 152 -3.04 -20.67 20.93
CA SER A 152 -4.13 -21.14 21.78
C SER A 152 -3.62 -21.98 22.95
N ILE A 153 -2.31 -22.02 23.17
CA ILE A 153 -1.74 -22.68 24.33
C ILE A 153 -2.09 -21.90 25.58
N ASN A 154 -2.67 -22.56 26.59
CA ASN A 154 -3.03 -21.81 27.79
C ASN A 154 -1.77 -21.34 28.50
N ILE A 155 -1.73 -20.03 28.77
CA ILE A 155 -0.55 -19.35 29.31
C ILE A 155 -0.77 -18.87 30.75
N SER A 156 -1.74 -19.42 31.52
CA SER A 156 -1.93 -18.97 32.90
C SER A 156 -0.87 -19.47 33.86
N GLY A 157 0.01 -20.39 33.44
CA GLY A 157 1.02 -20.93 34.33
C GLY A 157 2.43 -20.42 34.12
N PHE A 158 2.62 -19.41 33.29
CA PHE A 158 3.93 -18.82 33.09
C PHE A 158 4.17 -17.70 34.09
N LYS A 159 5.44 -17.36 34.29
CA LYS A 159 5.72 -16.32 35.27
C LYS A 159 5.75 -14.97 34.55
N SER A 160 5.69 -13.90 35.34
CA SER A 160 5.70 -12.58 34.74
C SER A 160 6.97 -12.33 33.95
N ASN A 161 8.08 -13.01 34.31
CA ASN A 161 9.34 -12.91 33.56
C ASN A 161 9.24 -13.44 32.13
N LEU A 162 8.08 -13.91 31.68
CA LEU A 162 7.87 -14.32 30.30
C LEU A 162 6.90 -13.42 29.54
N VAL A 163 6.26 -12.47 30.22
CA VAL A 163 5.23 -11.64 29.58
C VAL A 163 5.87 -10.37 29.02
N LEU A 164 5.61 -10.09 27.75
CA LEU A 164 6.04 -8.86 27.11
C LEU A 164 4.98 -7.80 27.32
N ASP A 165 5.16 -6.98 28.32
CA ASP A 165 4.39 -5.75 28.24
C ASP A 165 5.02 -4.87 27.17
N PHE A 166 4.20 -4.45 26.21
CA PHE A 166 4.66 -3.59 25.14
C PHE A 166 4.84 -2.15 25.61
N ARG A 167 3.91 -1.65 26.40
CA ARG A 167 4.00 -0.25 26.82
C ARG A 167 5.30 0.03 27.53
N GLU A 168 5.63 -0.77 28.54
CA GLU A 168 6.84 -0.46 29.29
C GLU A 168 8.08 -0.63 28.41
N LYS A 169 8.05 -1.59 27.47
CA LYS A 169 9.16 -1.71 26.52
C LYS A 169 9.32 -0.41 25.74
N ILE A 170 8.21 0.09 25.18
CA ILE A 170 8.25 1.38 24.50
C ILE A 170 8.82 2.46 25.42
N ASN A 171 8.56 2.38 26.71
CA ASN A 171 8.95 3.44 27.65
C ASN A 171 10.41 3.32 28.08
N GLU A 172 10.87 2.09 28.35
CA GLU A 172 12.29 1.88 28.60
C GLU A 172 13.12 2.30 27.40
N ASP A 173 12.76 1.82 26.21
CA ASP A 173 13.40 2.27 24.97
C ASP A 173 13.42 3.80 24.90
N ASN A 174 12.24 4.41 25.01
CA ASN A 174 12.11 5.87 24.91
C ASN A 174 13.10 6.60 25.79
N LYS A 175 13.33 6.11 27.01
CA LYS A 175 14.33 6.74 27.87
C LYS A 175 15.73 6.43 27.37
N LYS A 176 15.98 5.18 26.99
CA LYS A 176 17.24 4.85 26.38
C LYS A 176 17.53 5.80 25.21
N ILE A 177 16.55 5.98 24.31
CA ILE A 177 16.80 6.79 23.13
C ILE A 177 17.07 8.24 23.49
N LYS A 178 16.52 8.74 24.59
CA LYS A 178 16.77 10.13 24.96
C LYS A 178 18.22 10.34 25.43
N LYS A 179 18.82 9.35 26.08
CA LYS A 179 20.20 9.47 26.51
C LYS A 179 21.17 9.20 25.37
N LEU A 180 20.88 8.22 24.52
CA LEU A 180 21.76 7.92 23.40
C LEU A 180 21.79 9.05 22.39
N LEU A 181 20.63 9.51 21.92
CA LEU A 181 20.58 10.56 20.90
C LEU A 181 20.77 11.97 21.47
N SER A 182 20.86 12.10 22.80
CA SER A 182 21.10 13.41 23.38
C SER A 182 22.37 14.03 22.80
N ARG A 183 23.44 13.24 22.78
CA ARG A 183 24.70 13.65 22.16
C ARG A 183 24.78 13.20 20.71
N GLU A 184 23.71 13.48 19.92
CA GLU A 184 23.64 13.00 18.55
C GLU A 184 22.60 13.70 17.65
N LEU A 185 21.65 14.45 18.21
CA LEU A 185 20.53 14.98 17.42
C LEU A 185 20.25 16.45 17.69
N LYS A 186 19.65 16.68 18.86
CA LYS A 186 19.24 17.98 19.38
C LYS A 186 17.97 18.54 18.73
N GLY A 187 17.14 19.15 19.59
CA GLY A 187 15.90 19.81 19.25
C GLY A 187 15.20 19.33 17.99
N PRO A 188 15.37 20.09 16.91
CA PRO A 188 14.59 19.82 15.69
C PRO A 188 14.59 18.36 15.25
N GLN A 189 15.77 17.77 15.07
CA GLN A 189 15.80 16.34 14.75
C GLN A 189 15.12 15.51 15.84
N MET A 190 15.32 15.86 17.11
CA MET A 190 14.72 15.08 18.20
C MET A 190 13.21 15.22 18.24
N LYS A 191 12.70 16.45 18.37
CA LYS A 191 11.28 16.68 18.53
C LYS A 191 10.46 15.84 17.55
N LYS A 192 11.04 15.54 16.38
CA LYS A 192 10.41 14.57 15.50
C LYS A 192 10.42 13.19 16.13
N VAL A 193 11.49 12.86 16.85
CA VAL A 193 11.56 11.58 17.55
C VAL A 193 10.48 11.52 18.63
N ASP A 194 10.40 12.58 19.45
CA ASP A 194 9.40 12.68 20.50
C ASP A 194 7.99 12.54 19.93
N ASP A 195 7.73 13.24 18.83
CA ASP A 195 6.46 13.06 18.16
C ASP A 195 6.24 11.61 17.72
N PHE A 196 7.32 10.83 17.53
CA PHE A 196 7.14 9.46 17.07
C PHE A 196 6.86 8.49 18.21
N TYR A 197 7.47 8.69 19.38
CA TYR A 197 7.21 7.80 20.50
C TYR A 197 5.83 8.05 21.07
N ARG A 198 5.57 9.31 21.47
CA ARG A 198 4.26 9.68 21.98
C ARG A 198 3.14 9.32 21.00
N ASP A 199 3.38 9.43 19.70
CA ASP A 199 2.37 9.01 18.73
C ASP A 199 2.05 7.52 18.91
N ILE A 200 3.08 6.68 19.11
CA ILE A 200 2.86 5.26 19.35
C ILE A 200 2.16 5.04 20.68
N LEU A 201 2.73 5.62 21.76
CA LEU A 201 2.17 5.41 23.09
C LEU A 201 0.71 5.83 23.15
N GLU A 202 0.29 6.77 22.31
CA GLU A 202 -1.10 7.17 22.32
C GLU A 202 -1.98 6.09 21.70
N ASN A 203 -1.47 5.36 20.71
CA ASN A 203 -2.33 4.57 19.81
C ASN A 203 -2.64 3.21 20.40
N GLU A 204 -3.92 3.00 20.78
CA GLU A 204 -4.29 1.78 21.50
C GLU A 204 -4.08 0.54 20.66
N ILE A 205 -4.22 0.64 19.33
CA ILE A 205 -4.20 -0.59 18.55
C ILE A 205 -2.90 -1.35 18.75
N TYR A 206 -1.83 -0.69 19.22
CA TYR A 206 -0.59 -1.39 19.47
C TYR A 206 -0.59 -2.15 20.79
N PHE A 207 -1.51 -1.79 21.72
CA PHE A 207 -1.50 -2.30 23.08
C PHE A 207 -2.77 -3.04 23.47
N LYS A 208 -3.87 -2.84 22.76
CA LYS A 208 -5.13 -3.49 23.09
C LYS A 208 -5.22 -4.81 22.34
N TYR A 209 -4.40 -5.75 22.79
CA TYR A 209 -4.45 -7.10 22.26
C TYR A 209 -4.63 -8.09 23.41
N TYR A 210 -5.17 -9.26 23.04
CA TYR A 210 -5.23 -10.48 23.82
C TYR A 210 -3.88 -11.22 23.81
N PRO A 211 -3.08 -11.12 24.87
CA PRO A 211 -1.77 -11.79 24.88
C PRO A 211 -1.95 -13.30 24.78
N CYS A 212 -1.01 -13.93 24.07
CA CYS A 212 -0.89 -15.37 24.05
C CYS A 212 0.59 -15.68 23.97
N LEU A 213 0.94 -16.97 23.98
CA LEU A 213 2.32 -17.38 23.73
C LEU A 213 2.68 -17.14 22.27
N ILE A 214 3.76 -16.42 22.02
CA ILE A 214 4.22 -16.16 20.67
C ILE A 214 5.65 -16.66 20.49
N HIS A 215 5.98 -17.04 19.24
CA HIS A 215 7.35 -17.41 18.90
C HIS A 215 8.27 -16.20 18.99
N ASN A 216 7.84 -15.07 18.42
CA ASN A 216 8.48 -13.75 18.46
C ASN A 216 9.67 -13.63 17.50
N ASP A 217 10.18 -14.72 16.92
CA ASP A 217 11.24 -14.68 15.91
C ASP A 217 10.84 -15.53 14.72
N PHE A 218 9.55 -15.50 14.36
CA PHE A 218 8.96 -16.38 13.37
C PHE A 218 9.26 -15.84 12.00
N SER A 219 10.36 -16.32 11.40
CA SER A 219 10.82 -15.85 10.10
C SER A 219 11.36 -17.03 9.29
N SER A 220 11.74 -16.76 8.03
CA SER A 220 12.03 -17.85 7.11
C SER A 220 13.18 -18.71 7.60
N ASP A 221 14.17 -18.14 8.27
CA ASP A 221 15.32 -18.93 8.66
C ASP A 221 15.09 -19.79 9.90
N HIS A 222 13.90 -19.76 10.49
CA HIS A 222 13.56 -20.60 11.64
C HIS A 222 12.47 -21.61 11.33
N ILE A 223 12.08 -21.73 10.06
CA ILE A 223 11.10 -22.71 9.59
C ILE A 223 11.86 -23.76 8.80
N LEU A 224 11.96 -24.98 9.33
CA LEU A 224 12.73 -25.99 8.63
C LEU A 224 11.86 -26.72 7.62
N PHE A 225 12.49 -27.13 6.52
CA PHE A 225 11.75 -27.64 5.37
C PHE A 225 12.36 -28.96 4.92
N ASP A 226 11.50 -29.83 4.40
CA ASP A 226 11.85 -31.17 3.95
C ASP A 226 11.75 -31.14 2.45
N THR A 227 12.88 -31.00 1.76
CA THR A 227 12.74 -30.86 0.33
C THR A 227 12.34 -32.17 -0.32
N GLU A 228 12.43 -33.31 0.38
CA GLU A 228 11.95 -34.54 -0.22
C GLU A 228 10.44 -34.62 -0.12
N LYS A 229 9.92 -34.54 1.11
CA LYS A 229 8.48 -34.53 1.30
C LYS A 229 7.83 -33.23 0.84
N ASN A 230 8.62 -32.18 0.54
CA ASN A 230 8.10 -30.89 0.10
C ASN A 230 7.08 -30.35 1.10
N THR A 231 7.42 -30.45 2.40
CA THR A 231 6.55 -29.96 3.46
C THR A 231 7.42 -29.45 4.61
N ILE A 232 6.83 -28.58 5.44
CA ILE A 232 7.52 -28.05 6.61
C ILE A 232 7.64 -29.12 7.68
N CYS A 233 8.82 -29.20 8.30
CA CYS A 233 9.11 -30.27 9.25
C CYS A 233 9.84 -29.79 10.50
N GLY A 234 9.62 -28.56 10.93
CA GLY A 234 10.49 -28.05 11.96
C GLY A 234 10.29 -26.56 12.15
N ILE A 235 10.26 -26.15 13.42
CA ILE A 235 10.31 -24.75 13.84
C ILE A 235 11.39 -24.72 14.93
N ILE A 236 12.28 -23.74 14.86
CA ILE A 236 13.40 -23.70 15.78
C ILE A 236 13.52 -22.29 16.37
N ASP A 237 14.44 -22.14 17.31
CA ASP A 237 14.74 -20.86 17.98
C ASP A 237 13.56 -20.24 18.72
N PHE A 238 13.32 -20.72 19.93
CA PHE A 238 12.35 -20.10 20.79
C PHE A 238 13.00 -19.16 21.79
N GLY A 239 14.23 -18.73 21.50
CA GLY A 239 14.97 -17.87 22.43
C GLY A 239 14.32 -16.53 22.68
N ASP A 240 13.34 -16.14 21.88
CA ASP A 240 12.64 -14.87 22.06
C ASP A 240 11.17 -15.05 22.38
N ALA A 241 10.67 -16.28 22.33
CA ALA A 241 9.29 -16.59 22.70
C ALA A 241 8.89 -15.87 23.96
N ALA A 242 7.63 -15.40 23.97
CA ALA A 242 7.14 -14.65 25.10
C ALA A 242 5.62 -14.72 25.07
N ILE A 243 5.00 -14.16 26.11
CA ILE A 243 3.58 -13.83 26.10
C ILE A 243 3.41 -12.43 25.53
N SER A 244 2.65 -12.31 24.44
CA SER A 244 2.61 -11.02 23.75
C SER A 244 1.66 -11.01 22.57
N ASP A 245 1.75 -9.98 21.73
CA ASP A 245 0.82 -9.83 20.61
C ASP A 245 0.97 -10.98 19.61
N PRO A 246 -0.08 -11.72 19.27
CA PRO A 246 0.08 -12.79 18.27
C PRO A 246 0.26 -12.27 16.85
N ASP A 247 -0.13 -11.03 16.58
CA ASP A 247 0.20 -10.36 15.34
C ASP A 247 1.70 -10.24 15.13
N ASN A 248 2.49 -10.50 16.19
CA ASN A 248 3.94 -10.47 16.06
C ASN A 248 4.46 -11.64 15.26
N ASP A 249 3.82 -12.80 15.41
CA ASP A 249 4.25 -13.94 14.62
C ASP A 249 3.88 -13.80 13.17
N PHE A 250 3.05 -12.82 12.82
CA PHE A 250 2.79 -12.60 11.41
C PHE A 250 3.61 -11.48 10.82
N ILE A 251 3.91 -10.40 11.56
CA ILE A 251 4.60 -9.30 10.89
C ILE A 251 6.03 -9.70 10.57
N SER A 252 6.58 -10.66 11.32
CA SER A 252 7.96 -11.05 11.13
C SER A 252 8.16 -11.89 9.88
N LEU A 253 7.05 -12.33 9.25
CA LEU A 253 7.09 -13.01 7.96
C LEU A 253 6.84 -12.08 6.78
N MET A 254 6.47 -10.84 7.01
CA MET A 254 6.37 -9.84 5.95
C MET A 254 7.66 -9.03 5.97
N GLU A 255 8.02 -8.50 4.81
CA GLU A 255 9.28 -7.76 4.67
C GLU A 255 9.71 -7.74 3.20
N ASP A 256 9.06 -8.55 2.36
CA ASP A 256 9.33 -8.49 0.93
C ASP A 256 10.78 -8.86 0.64
N ASP A 257 11.72 -7.99 1.03
CA ASP A 257 13.15 -8.21 0.77
C ASP A 257 13.64 -9.49 1.43
N GLU A 258 13.78 -9.49 2.75
CA GLU A 258 14.39 -10.59 3.48
C GLU A 258 13.42 -11.69 3.94
N GLU A 259 12.13 -11.57 3.66
CA GLU A 259 11.18 -12.57 4.14
C GLU A 259 10.20 -12.92 3.02
N TYR A 260 9.06 -13.50 3.36
CA TYR A 260 8.05 -13.74 2.35
C TYR A 260 7.33 -12.44 2.00
N GLY A 261 6.34 -12.55 1.16
CA GLY A 261 5.60 -11.37 0.78
C GLY A 261 4.32 -11.22 1.57
N MET A 262 3.60 -10.13 1.30
CA MET A 262 2.22 -10.05 1.75
C MET A 262 1.33 -11.04 0.99
N GLU A 263 1.77 -11.49 -0.19
CA GLU A 263 1.05 -12.51 -0.96
C GLU A 263 0.98 -13.83 -0.19
N PHE A 264 2.13 -14.32 0.27
CA PHE A 264 2.15 -15.59 1.00
C PHE A 264 1.61 -15.45 2.42
N VAL A 265 1.98 -14.39 3.11
CA VAL A 265 1.52 -14.23 4.49
C VAL A 265 0.00 -14.12 4.50
N SER A 266 -0.57 -13.35 3.57
CA SER A 266 -2.02 -13.22 3.49
C SER A 266 -2.71 -14.57 3.34
N LYS A 267 -2.09 -15.51 2.62
CA LYS A 267 -2.65 -16.86 2.57
C LYS A 267 -2.56 -17.51 3.93
N ILE A 268 -1.56 -17.13 4.72
CA ILE A 268 -1.43 -17.68 6.06
C ILE A 268 -2.50 -17.10 6.98
N LEU A 269 -2.74 -15.80 6.90
CA LEU A 269 -3.74 -15.15 7.73
C LEU A 269 -5.13 -15.68 7.45
N ASN A 270 -5.38 -16.12 6.21
CA ASN A 270 -6.70 -16.60 5.83
C ASN A 270 -6.96 -18.04 6.23
N HIS A 271 -5.92 -18.87 6.30
CA HIS A 271 -6.10 -20.20 6.86
C HIS A 271 -6.22 -20.15 8.37
N TYR A 272 -5.73 -19.08 8.96
CA TYR A 272 -5.74 -18.81 10.39
C TYR A 272 -7.03 -18.12 10.82
N LYS A 273 -7.88 -17.70 9.88
CA LYS A 273 -9.16 -17.01 10.17
C LYS A 273 -8.94 -15.74 10.98
N HIS A 274 -7.84 -15.04 10.69
CA HIS A 274 -7.58 -13.75 11.30
C HIS A 274 -8.62 -12.74 10.82
N LYS A 275 -9.26 -12.05 11.76
CA LYS A 275 -10.43 -11.25 11.43
C LYS A 275 -10.13 -9.76 11.34
N ASP A 276 -8.84 -9.35 11.28
CA ASP A 276 -8.50 -7.93 11.15
C ASP A 276 -7.09 -7.81 10.56
N ILE A 277 -7.00 -7.93 9.24
CA ILE A 277 -5.70 -7.86 8.58
C ILE A 277 -5.21 -6.42 8.51
N PRO A 278 -6.08 -5.42 8.31
CA PRO A 278 -5.62 -4.02 8.35
C PRO A 278 -4.80 -3.64 9.57
N THR A 279 -5.08 -4.18 10.77
CA THR A 279 -4.20 -3.86 11.90
C THR A 279 -2.99 -4.77 11.96
N VAL A 280 -2.97 -5.90 11.24
CA VAL A 280 -1.70 -6.59 11.05
C VAL A 280 -0.74 -5.71 10.27
N LEU A 281 -1.26 -5.02 9.24
CA LEU A 281 -0.46 -4.11 8.45
C LEU A 281 -0.18 -2.79 9.18
N GLU A 282 -1.07 -2.31 10.05
CA GLU A 282 -0.70 -1.16 10.86
C GLU A 282 0.49 -1.50 11.75
N LYS A 283 0.49 -2.71 12.31
CA LYS A 283 1.58 -3.12 13.18
C LYS A 283 2.87 -3.33 12.39
N TYR A 284 2.77 -4.03 11.26
CA TYR A 284 3.92 -4.16 10.38
C TYR A 284 4.52 -2.80 10.08
N ARG A 285 3.71 -1.86 9.62
CA ARG A 285 4.25 -0.56 9.27
C ARG A 285 5.00 0.08 10.44
N MET A 286 4.51 -0.14 11.67
CA MET A 286 5.09 0.49 12.85
C MET A 286 6.38 -0.19 13.28
N LYS A 287 6.41 -1.53 13.28
CA LYS A 287 7.68 -2.18 13.60
C LYS A 287 8.72 -1.85 12.54
N GLU A 288 8.31 -1.64 11.29
CA GLU A 288 9.24 -1.23 10.24
C GLU A 288 9.95 0.06 10.61
N LYS A 289 9.20 1.15 10.82
CA LYS A 289 9.82 2.39 11.27
C LYS A 289 10.58 2.21 12.59
N TYR A 290 10.00 1.46 13.53
CA TYR A 290 10.62 1.33 14.85
C TYR A 290 11.97 0.61 14.76
N TRP A 291 12.16 -0.23 13.74
CA TRP A 291 13.39 -1.01 13.67
C TRP A 291 14.63 -0.12 13.78
N SER A 292 14.57 1.11 13.27
CA SER A 292 15.72 2.01 13.36
C SER A 292 16.05 2.35 14.81
N PHE A 293 15.02 2.45 15.68
CA PHE A 293 15.27 2.69 17.09
C PHE A 293 15.74 1.45 17.83
N GLU A 294 15.37 0.26 17.35
CA GLU A 294 15.99 -0.96 17.90
C GLU A 294 17.47 -1.07 17.51
N LYS A 295 17.84 -0.62 16.31
CA LYS A 295 19.26 -0.65 15.91
C LYS A 295 20.10 0.21 16.84
N ILE A 296 19.61 1.40 17.20
CA ILE A 296 20.35 2.29 18.11
C ILE A 296 20.52 1.66 19.48
N ILE A 297 19.48 0.96 19.97
CA ILE A 297 19.54 0.39 21.31
C ILE A 297 20.41 -0.86 21.32
N TYR A 298 20.16 -1.77 20.40
CA TYR A 298 21.03 -2.94 20.27
C TYR A 298 22.39 -2.56 19.68
N GLY A 299 22.40 -1.71 18.65
CA GLY A 299 23.67 -1.21 18.14
C GLY A 299 24.58 -0.71 19.24
N LYS A 300 24.01 0.00 20.22
CA LYS A 300 24.78 0.51 21.34
C LYS A 300 24.91 -0.50 22.46
N GLU A 301 24.05 -1.53 22.47
CA GLU A 301 24.08 -2.56 23.51
C GLU A 301 25.19 -3.57 23.25
N TYR A 302 25.17 -4.22 22.08
CA TYR A 302 26.14 -5.28 21.79
C TYR A 302 27.49 -4.70 21.39
N GLY A 303 27.49 -3.69 20.53
CA GLY A 303 28.74 -3.11 20.09
C GLY A 303 28.72 -2.91 18.59
N TYR A 304 27.71 -3.45 17.93
CA TYR A 304 27.50 -3.25 16.51
C TYR A 304 27.55 -1.77 16.13
N MET A 305 28.74 -1.24 15.80
CA MET A 305 28.80 0.16 15.35
C MET A 305 27.91 0.39 14.12
N ASP A 306 27.96 -0.51 13.12
CA ASP A 306 27.20 -0.29 11.90
C ASP A 306 25.70 -0.28 12.16
N TRP A 307 25.24 -1.00 13.19
CA TRP A 307 23.82 -1.01 13.54
C TRP A 307 23.39 0.30 14.17
N TYR A 308 24.24 0.86 15.03
CA TYR A 308 23.98 2.20 15.55
C TYR A 308 23.86 3.12 14.34
N GLU A 309 24.96 3.37 13.60
CA GLU A 309 24.95 4.36 12.51
C GLU A 309 23.91 4.07 11.44
N GLU A 310 23.50 2.82 11.26
CA GLU A 310 22.40 2.55 10.34
C GLU A 310 21.07 2.96 10.96
N GLY A 311 20.97 2.96 12.29
CA GLY A 311 19.78 3.50 12.94
C GLY A 311 19.70 5.01 12.85
N LEU A 312 20.84 5.71 12.95
CA LEU A 312 20.84 7.18 12.93
C LEU A 312 20.37 7.72 11.59
N ASN A 313 21.03 7.30 10.51
CA ASN A 313 20.66 7.84 9.21
C ASN A 313 19.14 7.81 9.03
N GLU A 314 18.55 6.63 9.27
CA GLU A 314 17.11 6.47 9.03
C GLU A 314 16.29 7.49 9.81
N ILE A 315 16.64 7.73 11.07
CA ILE A 315 15.98 8.78 11.84
C ILE A 315 16.04 10.10 11.08
N ARG A 316 17.24 10.62 10.91
CA ARG A 316 17.47 11.85 10.17
C ARG A 316 16.84 11.77 8.78
N SER A 317 15.51 11.70 8.70
CA SER A 317 14.85 11.67 7.40
C SER A 317 13.33 11.77 7.57
N THR B 23 -16.50 -2.21 -27.80
CA THR B 23 -16.41 -2.92 -29.07
C THR B 23 -17.73 -2.99 -29.81
N TYR B 24 -17.92 -2.12 -30.81
CA TYR B 24 -19.18 -2.05 -31.52
C TYR B 24 -18.97 -1.99 -33.01
N THR B 25 -20.01 -2.37 -33.75
CA THR B 25 -20.14 -2.13 -35.18
C THR B 25 -21.34 -1.22 -35.46
N PHE B 26 -21.30 -0.58 -36.63
CA PHE B 26 -22.37 0.35 -37.03
C PHE B 26 -23.75 -0.31 -37.00
N ASP B 27 -23.82 -1.60 -37.27
CA ASP B 27 -25.12 -2.27 -37.24
C ASP B 27 -25.59 -2.48 -35.81
N GLN B 28 -24.66 -2.81 -34.90
CA GLN B 28 -25.01 -2.96 -33.49
C GLN B 28 -25.45 -1.62 -32.91
N VAL B 29 -24.66 -0.58 -33.13
CA VAL B 29 -25.12 0.74 -32.70
C VAL B 29 -26.50 1.00 -33.27
N GLU B 30 -26.72 0.65 -34.54
CA GLU B 30 -27.99 0.97 -35.17
C GLU B 30 -29.12 0.09 -34.63
N LYS B 31 -28.87 -1.21 -34.49
CA LYS B 31 -29.86 -2.09 -33.90
C LYS B 31 -30.23 -1.63 -32.50
N ALA B 32 -29.23 -1.33 -31.67
CA ALA B 32 -29.51 -0.82 -30.34
C ALA B 32 -30.50 0.35 -30.40
N ILE B 33 -30.12 1.43 -31.08
CA ILE B 33 -30.97 2.62 -31.05
C ILE B 33 -32.35 2.35 -31.66
N GLU B 34 -32.44 1.49 -32.66
CA GLU B 34 -33.72 1.25 -33.28
C GLU B 34 -34.57 0.31 -32.46
N GLN B 35 -33.95 -0.44 -31.54
CA GLN B 35 -34.71 -1.33 -30.68
C GLN B 35 -35.61 -0.53 -29.74
N LEU B 36 -35.02 0.47 -29.09
CA LEU B 36 -35.76 1.31 -28.18
C LEU B 36 -36.56 2.37 -28.91
N TYR B 37 -36.14 2.82 -30.10
CA TYR B 37 -36.78 3.94 -30.81
C TYR B 37 -37.12 3.58 -32.25
N PRO B 38 -38.09 2.72 -32.43
CA PRO B 38 -38.51 2.36 -33.77
C PRO B 38 -38.81 3.59 -34.61
N ASP B 39 -39.44 4.62 -34.04
CA ASP B 39 -39.87 5.74 -34.87
C ASP B 39 -38.67 6.51 -35.43
N PHE B 40 -37.64 6.73 -34.62
CA PHE B 40 -36.43 7.40 -35.07
C PHE B 40 -35.75 6.60 -36.17
N THR B 41 -35.71 7.14 -37.39
CA THR B 41 -35.04 6.47 -38.50
C THR B 41 -33.64 7.06 -38.65
N ILE B 42 -32.62 6.21 -38.59
CA ILE B 42 -31.23 6.64 -38.69
C ILE B 42 -30.84 6.76 -40.15
N ASN B 43 -30.29 7.92 -40.52
CA ASN B 43 -29.77 8.13 -41.88
C ASN B 43 -28.26 7.96 -41.94
N THR B 44 -27.54 8.95 -41.41
CA THR B 44 -26.08 8.95 -41.43
C THR B 44 -25.56 8.52 -40.07
N ILE B 45 -24.80 7.42 -40.04
CA ILE B 45 -24.06 7.00 -38.86
C ILE B 45 -22.58 6.98 -39.21
N GLU B 46 -21.79 7.71 -38.43
CA GLU B 46 -20.35 7.63 -38.52
C GLU B 46 -19.78 7.93 -37.15
N ILE B 47 -18.53 7.51 -36.93
CA ILE B 47 -17.94 7.57 -35.60
C ILE B 47 -17.43 8.97 -35.35
N SER B 48 -17.81 9.56 -34.22
CA SER B 48 -17.37 10.91 -33.90
C SER B 48 -16.10 10.96 -33.05
N GLY B 49 -15.71 9.90 -32.40
CA GLY B 49 -14.56 9.94 -31.52
C GLY B 49 -14.62 8.80 -30.53
N GLU B 50 -13.50 8.59 -29.83
CA GLU B 50 -13.32 7.41 -28.98
C GLU B 50 -12.52 7.88 -27.78
N GLY B 51 -13.22 8.35 -26.76
CA GLY B 51 -12.60 8.47 -25.47
C GLY B 51 -12.22 7.11 -24.91
N ASN B 52 -11.79 7.15 -23.65
CA ASN B 52 -11.47 5.91 -22.97
C ASN B 52 -12.73 5.14 -22.56
N ASP B 53 -13.80 5.84 -22.14
CA ASP B 53 -14.94 5.07 -21.64
C ASP B 53 -15.96 4.78 -22.73
N CYS B 54 -16.30 5.80 -23.51
CA CYS B 54 -17.41 5.72 -24.43
C CYS B 54 -16.88 5.98 -25.83
N ILE B 55 -17.45 5.29 -26.81
CA ILE B 55 -17.25 5.62 -28.22
C ILE B 55 -18.43 6.49 -28.60
N ALA B 56 -18.20 7.53 -29.40
CA ALA B 56 -19.23 8.50 -29.76
C ALA B 56 -19.58 8.36 -31.24
N TYR B 57 -20.87 8.45 -31.54
CA TYR B 57 -21.34 8.28 -32.91
C TYR B 57 -22.15 9.51 -33.29
N GLU B 58 -21.80 10.15 -34.39
CA GLU B 58 -22.64 11.19 -34.94
C GLU B 58 -23.73 10.51 -35.77
N ILE B 59 -24.98 10.75 -35.43
CA ILE B 59 -26.12 10.10 -36.08
C ILE B 59 -26.97 11.19 -36.71
N ASN B 60 -27.15 11.12 -38.03
CA ASN B 60 -27.93 12.09 -38.78
C ASN B 60 -27.31 13.49 -38.76
N ARG B 61 -26.02 13.60 -38.44
CA ARG B 61 -25.28 14.85 -38.28
C ARG B 61 -25.83 15.75 -37.18
N ASP B 62 -26.84 15.33 -36.41
CA ASP B 62 -27.51 16.15 -35.41
C ASP B 62 -27.33 15.67 -33.98
N PHE B 63 -27.21 14.37 -33.77
CA PHE B 63 -27.03 13.83 -32.44
C PHE B 63 -25.66 13.18 -32.33
N ILE B 64 -25.15 13.17 -31.11
CA ILE B 64 -24.03 12.33 -30.74
C ILE B 64 -24.57 11.22 -29.85
N PHE B 65 -24.32 9.98 -30.23
CA PHE B 65 -24.65 8.83 -29.39
C PHE B 65 -23.36 8.31 -28.79
N LYS B 66 -23.29 8.29 -27.47
CA LYS B 66 -22.20 7.63 -26.75
C LYS B 66 -22.59 6.20 -26.39
N PHE B 67 -21.65 5.29 -26.61
CA PHE B 67 -21.79 3.89 -26.23
C PHE B 67 -20.64 3.51 -25.31
N PRO B 68 -20.89 2.77 -24.23
CA PRO B 68 -19.82 2.48 -23.26
C PRO B 68 -18.98 1.28 -23.65
N LYS B 69 -17.66 1.44 -23.50
CA LYS B 69 -16.72 0.33 -23.75
C LYS B 69 -16.71 -0.70 -22.64
N HIS B 70 -17.23 -0.39 -21.45
CA HIS B 70 -17.08 -1.26 -20.29
C HIS B 70 -17.96 -0.72 -19.17
N SER B 71 -18.03 -1.51 -18.10
CA SER B 71 -18.73 -1.16 -16.87
C SER B 71 -18.47 0.27 -16.44
N ARG B 72 -17.24 0.56 -15.98
CA ARG B 72 -16.95 1.89 -15.46
C ARG B 72 -17.39 2.98 -16.42
N GLY B 73 -17.39 2.69 -17.73
CA GLY B 73 -17.82 3.69 -18.71
C GLY B 73 -19.32 3.84 -18.81
N SER B 74 -20.07 2.77 -18.56
CA SER B 74 -21.53 2.81 -18.61
C SER B 74 -22.11 3.57 -17.42
N THR B 75 -21.48 3.44 -16.25
CA THR B 75 -21.92 4.24 -15.12
C THR B 75 -21.51 5.71 -15.30
N ASN B 76 -20.38 5.96 -15.97
CA ASN B 76 -20.03 7.32 -16.38
C ASN B 76 -21.10 7.91 -17.29
N LEU B 77 -21.50 7.16 -18.32
CA LEU B 77 -22.59 7.59 -19.19
C LEU B 77 -23.86 7.81 -18.39
N PHE B 78 -24.13 6.94 -17.40
CA PHE B 78 -25.30 7.07 -16.53
C PHE B 78 -25.22 8.34 -15.69
N ASN B 79 -24.13 8.49 -14.93
CA ASN B 79 -23.94 9.69 -14.12
C ASN B 79 -23.95 10.95 -15.00
N GLU B 80 -23.48 10.84 -16.24
CA GLU B 80 -23.43 12.00 -17.12
C GLU B 80 -24.83 12.40 -17.57
N VAL B 81 -25.59 11.44 -18.13
CA VAL B 81 -27.00 11.59 -18.43
C VAL B 81 -27.72 12.31 -17.31
N ASN B 82 -27.47 11.81 -16.10
CA ASN B 82 -28.15 12.28 -14.91
C ASN B 82 -27.74 13.70 -14.57
N ILE B 83 -26.50 14.08 -14.88
CA ILE B 83 -25.99 15.39 -14.47
C ILE B 83 -26.33 16.47 -15.49
N LEU B 84 -26.33 16.11 -16.78
CA LEU B 84 -26.71 17.06 -17.81
C LEU B 84 -28.17 17.43 -17.70
N LYS B 85 -29.00 16.53 -17.15
CA LYS B 85 -30.42 16.83 -16.99
C LYS B 85 -30.63 17.77 -15.81
N ARG B 86 -29.94 17.53 -14.70
CA ARG B 86 -30.12 18.37 -13.52
C ARG B 86 -29.68 19.78 -13.80
N ILE B 87 -28.54 19.96 -14.47
CA ILE B 87 -27.97 21.29 -14.71
C ILE B 87 -28.36 21.87 -16.06
N HIS B 88 -29.16 21.16 -16.85
CA HIS B 88 -29.73 21.70 -18.08
C HIS B 88 -30.14 23.16 -17.93
N ASN B 89 -29.76 23.98 -18.91
CA ASN B 89 -30.21 25.37 -18.95
C ASN B 89 -29.73 26.15 -17.75
N LYS B 90 -28.74 25.65 -17.03
CA LYS B 90 -28.28 26.33 -15.83
C LYS B 90 -26.95 27.05 -16.01
N LEU B 91 -26.20 26.75 -17.08
CA LEU B 91 -24.85 27.28 -17.31
C LEU B 91 -24.83 28.25 -18.47
N PRO B 92 -23.79 29.09 -18.58
CA PRO B 92 -23.79 30.16 -19.59
C PRO B 92 -23.17 29.78 -20.94
N LEU B 93 -22.64 28.58 -21.11
CA LEU B 93 -22.33 28.14 -22.46
C LEU B 93 -23.22 26.94 -22.80
N PRO B 94 -23.54 26.73 -24.08
CA PRO B 94 -24.30 25.53 -24.44
C PRO B 94 -23.60 24.26 -23.94
N ILE B 95 -24.40 23.28 -23.55
CA ILE B 95 -23.88 21.95 -23.24
C ILE B 95 -24.83 20.93 -23.87
N PRO B 96 -24.44 19.65 -23.92
CA PRO B 96 -25.32 18.68 -24.57
C PRO B 96 -26.61 18.48 -23.79
N GLU B 97 -27.70 18.32 -24.52
CA GLU B 97 -29.00 18.06 -23.96
C GLU B 97 -29.41 16.64 -24.32
N VAL B 98 -29.93 15.90 -23.32
CA VAL B 98 -30.20 14.47 -23.44
C VAL B 98 -31.49 14.25 -24.21
N VAL B 99 -31.41 13.51 -25.31
CA VAL B 99 -32.53 13.34 -26.21
C VAL B 99 -32.98 11.89 -26.26
N PHE B 100 -32.03 10.97 -26.25
CA PHE B 100 -32.30 9.54 -26.22
C PHE B 100 -31.60 8.95 -25.00
N THR B 101 -32.04 7.80 -24.54
CA THR B 101 -31.37 7.15 -23.42
C THR B 101 -31.37 5.65 -23.64
N GLY B 102 -30.30 4.97 -23.23
CA GLY B 102 -30.28 3.53 -23.39
C GLY B 102 -31.16 2.80 -22.38
N MET B 103 -30.77 1.61 -21.96
CA MET B 103 -31.41 0.92 -20.84
C MET B 103 -30.31 0.27 -20.01
N PRO B 104 -30.62 -0.12 -18.77
CA PRO B 104 -29.64 -0.88 -17.97
C PRO B 104 -29.58 -2.32 -18.42
N SER B 105 -28.60 -3.04 -17.89
CA SER B 105 -28.31 -4.40 -18.34
C SER B 105 -27.54 -5.14 -17.26
N GLU B 106 -26.93 -6.26 -17.63
CA GLU B 106 -25.98 -6.96 -16.77
C GLU B 106 -24.61 -6.30 -16.94
N THR B 107 -24.05 -5.80 -15.83
CA THR B 107 -22.75 -5.13 -15.70
C THR B 107 -22.72 -3.73 -16.30
N TYR B 108 -23.76 -3.32 -17.03
CA TYR B 108 -23.84 -1.96 -17.56
C TYR B 108 -25.09 -1.27 -17.05
N GLN B 109 -24.93 -0.04 -16.55
CA GLN B 109 -26.04 0.76 -16.03
C GLN B 109 -26.72 1.58 -17.12
N MET B 110 -26.14 1.66 -18.32
CA MET B 110 -26.64 2.59 -19.34
C MET B 110 -26.06 2.13 -20.69
N SER B 111 -26.89 1.47 -21.50
CA SER B 111 -26.37 0.87 -22.74
C SER B 111 -25.93 1.91 -23.77
N PHE B 112 -26.59 3.06 -23.81
CA PHE B 112 -26.16 4.19 -24.64
C PHE B 112 -26.88 5.44 -24.16
N ALA B 113 -26.50 6.57 -24.74
CA ALA B 113 -27.19 7.85 -24.55
C ALA B 113 -27.00 8.65 -25.83
N GLY B 114 -28.03 9.38 -26.22
CA GLY B 114 -27.91 10.26 -27.36
C GLY B 114 -28.20 11.69 -26.95
N PHE B 115 -27.37 12.63 -27.38
CA PHE B 115 -27.53 14.03 -27.02
C PHE B 115 -27.61 14.86 -28.29
N THR B 116 -27.79 16.17 -28.09
CA THR B 116 -27.86 17.09 -29.21
C THR B 116 -26.44 17.51 -29.54
N LYS B 117 -26.06 17.39 -30.82
CA LYS B 117 -24.72 17.74 -31.26
C LYS B 117 -24.50 19.24 -31.13
N ILE B 118 -23.50 19.63 -30.32
CA ILE B 118 -23.10 21.02 -30.13
C ILE B 118 -22.14 21.38 -31.27
N LYS B 119 -22.50 22.39 -32.06
CA LYS B 119 -21.63 22.84 -33.14
C LYS B 119 -20.39 23.53 -32.57
N GLY B 120 -19.29 23.39 -33.28
CA GLY B 120 -18.06 24.06 -32.91
C GLY B 120 -16.88 23.12 -33.01
N VAL B 121 -15.69 23.71 -33.05
CA VAL B 121 -14.44 22.96 -33.15
C VAL B 121 -13.64 23.09 -31.86
N PRO B 122 -12.84 22.09 -31.52
CA PRO B 122 -12.04 22.16 -30.29
C PRO B 122 -11.15 23.39 -30.26
N LEU B 123 -11.32 24.18 -29.19
CA LEU B 123 -10.37 25.25 -28.88
C LEU B 123 -9.04 24.60 -28.49
N THR B 124 -8.31 24.12 -29.51
CA THR B 124 -7.01 23.52 -29.26
C THR B 124 -6.01 24.60 -28.82
N PRO B 125 -4.91 24.21 -28.18
CA PRO B 125 -3.90 25.22 -27.84
C PRO B 125 -3.27 25.89 -29.05
N LEU B 126 -3.08 25.18 -30.18
CA LEU B 126 -2.61 25.87 -31.37
C LEU B 126 -3.62 26.92 -31.79
N LEU B 127 -4.90 26.54 -31.90
CA LEU B 127 -5.91 27.49 -32.33
C LEU B 127 -5.90 28.74 -31.46
N LEU B 128 -5.92 28.55 -30.13
CA LEU B 128 -5.97 29.68 -29.21
C LEU B 128 -4.76 30.58 -29.36
N ASN B 129 -3.58 29.99 -29.52
CA ASN B 129 -2.39 30.80 -29.70
C ASN B 129 -2.45 31.63 -30.99
N ASN B 130 -3.25 31.21 -31.97
CA ASN B 130 -3.35 31.94 -33.24
C ASN B 130 -4.43 33.02 -33.24
N LEU B 131 -5.31 33.06 -32.22
CA LEU B 131 -6.38 34.04 -32.09
C LEU B 131 -5.82 35.42 -31.75
N PRO B 132 -6.42 36.47 -32.31
CA PRO B 132 -6.11 37.82 -31.83
C PRO B 132 -6.22 37.88 -30.31
N LYS B 133 -5.32 38.65 -29.68
CA LYS B 133 -5.21 38.64 -28.22
C LYS B 133 -6.54 38.91 -27.54
N GLN B 134 -7.42 39.65 -28.21
CA GLN B 134 -8.70 40.04 -27.63
C GLN B 134 -9.66 38.86 -27.55
N SER B 135 -9.64 38.00 -28.57
CA SER B 135 -10.41 36.75 -28.45
C SER B 135 -9.74 35.77 -27.52
N GLN B 136 -8.42 35.89 -27.35
CA GLN B 136 -7.74 35.15 -26.31
C GLN B 136 -8.21 35.58 -24.93
N ASN B 137 -8.33 36.90 -24.71
CA ASN B 137 -8.76 37.38 -23.40
C ASN B 137 -10.23 37.06 -23.15
N GLN B 138 -11.08 37.24 -24.15
CA GLN B 138 -12.48 36.86 -24.00
C GLN B 138 -12.61 35.37 -23.67
N ALA B 139 -11.92 34.53 -24.42
CA ALA B 139 -11.95 33.10 -24.16
C ALA B 139 -11.69 32.81 -22.68
N ALA B 140 -10.75 33.52 -22.07
CA ALA B 140 -10.49 33.26 -20.66
C ALA B 140 -11.66 33.70 -19.80
N LYS B 141 -12.23 34.89 -20.08
CA LYS B 141 -13.41 35.33 -19.33
C LYS B 141 -14.56 34.34 -19.48
N ASP B 142 -15.05 34.15 -20.71
CA ASP B 142 -16.05 33.15 -21.03
C ASP B 142 -15.86 31.91 -20.16
N LEU B 143 -14.65 31.36 -20.17
CA LEU B 143 -14.38 30.10 -19.47
C LEU B 143 -14.35 30.30 -17.96
N ALA B 144 -13.76 31.40 -17.48
CA ALA B 144 -13.81 31.69 -16.06
C ALA B 144 -15.25 31.78 -15.61
N ARG B 145 -16.07 32.51 -16.38
CA ARG B 145 -17.47 32.63 -16.07
C ARG B 145 -18.13 31.26 -16.01
N PHE B 146 -17.80 30.38 -16.97
CA PHE B 146 -18.48 29.09 -17.03
C PHE B 146 -18.17 28.22 -15.82
N LEU B 147 -16.92 28.21 -15.36
CA LEU B 147 -16.57 27.43 -14.19
C LEU B 147 -17.08 28.08 -12.91
N SER B 148 -17.27 29.40 -12.95
CA SER B 148 -17.86 30.11 -11.82
C SER B 148 -19.29 29.63 -11.58
N GLU B 149 -20.09 29.59 -12.65
CA GLU B 149 -21.46 29.12 -12.52
C GLU B 149 -21.49 27.66 -12.11
N LEU B 150 -20.75 26.82 -12.82
CA LEU B 150 -20.77 25.39 -12.54
C LEU B 150 -20.39 25.12 -11.09
N HIS B 151 -19.38 25.82 -10.58
CA HIS B 151 -18.88 25.51 -9.25
C HIS B 151 -19.77 26.06 -8.15
N SER B 152 -20.83 26.79 -8.53
CA SER B 152 -21.74 27.39 -7.57
C SER B 152 -23.12 26.73 -7.56
N ILE B 153 -23.51 26.06 -8.64
CA ILE B 153 -24.69 25.20 -8.67
C ILE B 153 -24.78 24.46 -7.35
N ASN B 154 -25.92 24.54 -6.70
CA ASN B 154 -26.02 23.95 -5.36
C ASN B 154 -26.12 22.43 -5.46
N ILE B 155 -25.38 21.72 -4.60
CA ILE B 155 -25.15 20.30 -4.80
C ILE B 155 -25.64 19.49 -3.60
N SER B 156 -26.68 20.00 -2.95
CA SER B 156 -27.22 19.31 -1.77
C SER B 156 -28.28 18.28 -2.14
N GLY B 157 -28.52 18.06 -3.43
CA GLY B 157 -29.54 17.12 -3.83
C GLY B 157 -28.93 15.84 -4.37
N PHE B 158 -27.70 15.95 -4.88
CA PHE B 158 -26.98 14.84 -5.48
C PHE B 158 -26.69 13.77 -4.42
N LYS B 159 -26.24 12.60 -4.87
CA LYS B 159 -26.04 11.46 -4.00
C LYS B 159 -24.55 11.21 -3.76
N SER B 160 -24.25 10.32 -2.81
CA SER B 160 -22.85 10.00 -2.53
C SER B 160 -22.12 9.50 -3.77
N ASN B 161 -22.78 8.64 -4.55
CA ASN B 161 -22.23 8.10 -5.78
C ASN B 161 -21.70 9.16 -6.73
N LEU B 162 -21.96 10.44 -6.48
CA LEU B 162 -21.35 11.49 -7.28
C LEU B 162 -20.25 12.22 -6.52
N VAL B 163 -20.20 12.09 -5.21
CA VAL B 163 -19.18 12.75 -4.40
C VAL B 163 -17.89 11.93 -4.45
N LEU B 164 -16.87 12.49 -5.09
CA LEU B 164 -15.52 11.94 -4.99
C LEU B 164 -14.93 12.19 -3.60
N ASP B 165 -14.58 11.13 -2.87
CA ASP B 165 -13.90 11.26 -1.59
C ASP B 165 -12.42 11.00 -1.81
N PHE B 166 -11.62 12.08 -1.84
CA PHE B 166 -10.21 11.99 -2.25
C PHE B 166 -9.41 11.02 -1.38
N ARG B 167 -9.61 11.05 -0.06
CA ARG B 167 -8.84 10.17 0.82
C ARG B 167 -9.08 8.70 0.47
N GLU B 168 -10.35 8.26 0.50
CA GLU B 168 -10.66 6.90 0.06
C GLU B 168 -10.10 6.58 -1.32
N LYS B 169 -9.90 7.59 -2.19
CA LYS B 169 -9.40 7.30 -3.53
C LYS B 169 -7.90 7.06 -3.52
N ILE B 170 -7.14 7.96 -2.86
CA ILE B 170 -5.74 7.70 -2.57
C ILE B 170 -5.56 6.33 -1.94
N ASN B 171 -6.47 5.97 -1.03
CA ASN B 171 -6.34 4.68 -0.35
C ASN B 171 -6.62 3.53 -1.30
N GLU B 172 -7.79 3.54 -1.94
CA GLU B 172 -8.08 2.50 -2.92
C GLU B 172 -6.87 2.29 -3.84
N ASP B 173 -6.35 3.38 -4.41
CA ASP B 173 -5.23 3.30 -5.33
C ASP B 173 -4.00 2.67 -4.66
N ASN B 174 -3.66 3.14 -3.46
CA ASN B 174 -2.49 2.61 -2.77
C ASN B 174 -2.54 1.08 -2.67
N LYS B 175 -3.70 0.53 -2.32
CA LYS B 175 -3.83 -0.92 -2.25
C LYS B 175 -3.54 -1.56 -3.61
N LYS B 176 -4.01 -0.93 -4.70
CA LYS B 176 -3.80 -1.47 -6.04
C LYS B 176 -2.32 -1.44 -6.46
N ILE B 177 -1.65 -0.32 -6.20
CA ILE B 177 -0.24 -0.21 -6.58
C ILE B 177 0.59 -1.26 -5.86
N LYS B 178 0.26 -1.54 -4.60
CA LYS B 178 1.03 -2.53 -3.84
C LYS B 178 0.78 -3.94 -4.38
N LYS B 179 -0.49 -4.28 -4.60
CA LYS B 179 -0.79 -5.56 -5.23
C LYS B 179 -0.10 -5.66 -6.60
N LEU B 180 -0.38 -4.72 -7.52
CA LEU B 180 0.17 -4.79 -8.88
C LEU B 180 1.70 -4.70 -8.88
N LEU B 181 2.24 -3.59 -8.38
CA LEU B 181 3.66 -3.30 -8.46
C LEU B 181 4.52 -4.17 -7.55
N SER B 182 3.95 -5.04 -6.71
CA SER B 182 4.76 -5.67 -5.67
C SER B 182 5.95 -6.40 -6.27
N ARG B 183 5.83 -6.90 -7.50
CA ARG B 183 6.88 -7.73 -8.09
C ARG B 183 7.79 -6.97 -9.06
N GLU B 184 7.65 -5.64 -9.17
CA GLU B 184 8.41 -4.86 -10.14
C GLU B 184 9.22 -3.71 -9.54
N LEU B 185 9.25 -3.57 -8.22
CA LEU B 185 9.99 -2.45 -7.61
C LEU B 185 10.96 -2.93 -6.54
N LYS B 186 10.41 -3.29 -5.38
CA LYS B 186 11.21 -3.75 -4.26
C LYS B 186 11.96 -2.60 -3.59
N GLY B 187 12.65 -2.91 -2.50
CA GLY B 187 13.60 -2.02 -1.89
C GLY B 187 13.12 -0.60 -1.78
N PRO B 188 14.04 0.34 -1.98
CA PRO B 188 13.71 1.78 -1.84
C PRO B 188 12.61 2.25 -2.76
N GLN B 189 12.44 1.61 -3.92
CA GLN B 189 11.50 2.11 -4.91
C GLN B 189 10.07 2.06 -4.39
N MET B 190 9.69 0.92 -3.81
CA MET B 190 8.34 0.77 -3.28
C MET B 190 8.14 1.59 -2.02
N LYS B 191 9.12 1.57 -1.12
CA LYS B 191 9.15 2.52 -0.03
C LYS B 191 9.01 3.95 -0.56
N LYS B 192 9.80 4.31 -1.58
CA LYS B 192 9.66 5.62 -2.20
C LYS B 192 8.22 5.88 -2.63
N VAL B 193 7.48 4.82 -3.00
CA VAL B 193 6.08 4.95 -3.36
C VAL B 193 5.20 5.01 -2.11
N ASP B 194 5.49 4.15 -1.13
CA ASP B 194 4.80 4.24 0.15
C ASP B 194 4.94 5.63 0.75
N ASP B 195 6.13 6.22 0.63
CA ASP B 195 6.32 7.58 1.12
C ASP B 195 5.35 8.49 0.38
N PHE B 196 5.58 8.77 -0.91
CA PHE B 196 4.76 9.71 -1.68
C PHE B 196 3.27 9.66 -1.34
N TYR B 197 2.71 8.48 -1.04
CA TYR B 197 1.31 8.42 -0.63
C TYR B 197 1.11 8.97 0.79
N ARG B 198 1.97 8.56 1.72
CA ARG B 198 1.93 9.13 3.06
C ARG B 198 2.15 10.64 3.03
N ASP B 199 3.02 11.11 2.14
CA ASP B 199 3.28 12.55 2.00
C ASP B 199 2.02 13.30 1.58
N ILE B 200 1.22 12.72 0.67
CA ILE B 200 0.00 13.37 0.21
C ILE B 200 -1.06 13.37 1.31
N LEU B 201 -1.51 12.18 1.71
CA LEU B 201 -2.56 12.07 2.72
C LEU B 201 -2.21 12.79 4.02
N GLU B 202 -0.96 13.18 4.21
CA GLU B 202 -0.54 13.91 5.40
C GLU B 202 -0.33 15.39 5.10
N ASN B 203 -1.12 15.93 4.18
CA ASN B 203 -1.03 17.35 3.84
C ASN B 203 -2.37 17.73 3.21
N GLU B 204 -3.30 18.20 4.04
CA GLU B 204 -4.61 18.38 3.45
C GLU B 204 -4.82 19.73 2.79
N ILE B 205 -3.81 20.25 2.09
CA ILE B 205 -4.15 21.23 1.09
C ILE B 205 -5.03 20.56 0.05
N TYR B 206 -4.87 19.24 -0.10
CA TYR B 206 -5.61 18.48 -1.08
C TYR B 206 -6.98 18.06 -0.60
N PHE B 207 -7.19 18.04 0.71
CA PHE B 207 -8.45 17.61 1.28
C PHE B 207 -9.24 18.74 1.93
N LYS B 208 -8.59 19.85 2.28
CA LYS B 208 -9.25 20.99 2.90
C LYS B 208 -9.74 21.94 1.81
N TYR B 209 -10.79 21.51 1.12
CA TYR B 209 -11.41 22.37 0.12
C TYR B 209 -12.92 22.33 0.26
N TYR B 210 -13.58 23.26 -0.44
CA TYR B 210 -15.02 23.35 -0.41
C TYR B 210 -15.61 22.61 -1.60
N PRO B 211 -16.16 21.42 -1.41
CA PRO B 211 -16.74 20.69 -2.55
C PRO B 211 -17.82 21.46 -3.28
N CYS B 212 -17.74 21.40 -4.61
CA CYS B 212 -18.82 21.77 -5.50
C CYS B 212 -18.74 20.87 -6.74
N LEU B 213 -19.80 20.91 -7.55
CA LEU B 213 -19.84 20.21 -8.84
C LEU B 213 -18.72 20.70 -9.77
N ILE B 214 -17.90 19.77 -10.28
CA ILE B 214 -16.83 20.12 -11.19
C ILE B 214 -16.96 19.30 -12.46
N HIS B 215 -16.45 19.85 -13.57
CA HIS B 215 -16.44 19.13 -14.85
C HIS B 215 -15.55 17.88 -14.78
N ASN B 216 -14.36 18.01 -14.18
CA ASN B 216 -13.45 16.89 -13.95
C ASN B 216 -12.85 16.33 -15.24
N ASP B 217 -13.25 16.85 -16.39
CA ASP B 217 -12.47 16.60 -17.60
C ASP B 217 -12.40 17.88 -18.40
N PHE B 218 -12.14 19.00 -17.71
CA PHE B 218 -12.17 20.30 -18.35
C PHE B 218 -10.85 20.51 -19.08
N SER B 219 -10.86 20.26 -20.38
CA SER B 219 -9.63 20.21 -21.16
C SER B 219 -9.92 20.68 -22.59
N SER B 220 -8.85 21.12 -23.26
CA SER B 220 -8.95 21.80 -24.55
C SER B 220 -9.83 21.04 -25.54
N ASP B 221 -9.76 19.72 -25.55
CA ASP B 221 -10.58 19.02 -26.51
C ASP B 221 -12.07 18.98 -26.13
N HIS B 222 -12.48 19.52 -24.98
CA HIS B 222 -13.89 19.55 -24.60
C HIS B 222 -14.48 20.94 -24.64
N ILE B 223 -13.68 21.97 -24.88
CA ILE B 223 -14.16 23.32 -25.14
C ILE B 223 -14.37 23.49 -26.64
N LEU B 224 -15.61 23.77 -27.03
CA LEU B 224 -15.98 23.92 -28.44
C LEU B 224 -16.04 25.39 -28.82
N PHE B 225 -15.45 25.71 -29.98
CA PHE B 225 -15.17 27.09 -30.35
C PHE B 225 -15.75 27.37 -31.71
N ASP B 226 -16.36 28.55 -31.86
CA ASP B 226 -17.00 28.95 -33.12
C ASP B 226 -16.04 29.89 -33.85
N THR B 227 -15.38 29.35 -34.87
CA THR B 227 -14.35 30.14 -35.55
C THR B 227 -14.91 31.41 -36.14
N GLU B 228 -16.15 31.40 -36.64
CA GLU B 228 -16.67 32.59 -37.30
C GLU B 228 -16.78 33.76 -36.33
N LYS B 229 -17.33 33.53 -35.13
CA LYS B 229 -17.45 34.61 -34.15
C LYS B 229 -16.20 34.77 -33.30
N ASN B 230 -15.36 33.74 -33.21
CA ASN B 230 -14.12 33.76 -32.44
C ASN B 230 -14.42 33.73 -30.94
N THR B 231 -15.43 32.97 -30.54
CA THR B 231 -15.89 32.94 -29.18
C THR B 231 -16.24 31.51 -28.83
N ILE B 232 -16.14 31.18 -27.55
CA ILE B 232 -16.50 29.83 -27.09
C ILE B 232 -18.01 29.65 -27.24
N CYS B 233 -18.43 28.42 -27.56
CA CYS B 233 -19.83 28.14 -27.86
C CYS B 233 -20.28 26.77 -27.37
N GLY B 234 -19.46 26.04 -26.64
CA GLY B 234 -19.91 24.79 -26.11
C GLY B 234 -18.95 24.19 -25.11
N ILE B 235 -19.50 23.50 -24.12
CA ILE B 235 -18.75 22.59 -23.26
C ILE B 235 -19.36 21.22 -23.47
N ILE B 236 -18.55 20.17 -23.42
CA ILE B 236 -19.04 18.83 -23.68
C ILE B 236 -18.28 17.84 -22.82
N ASP B 237 -18.83 16.64 -22.77
CA ASP B 237 -18.25 15.46 -22.13
C ASP B 237 -18.27 15.52 -20.59
N PHE B 238 -19.45 15.42 -20.00
CA PHE B 238 -19.57 15.46 -18.55
C PHE B 238 -19.44 14.09 -17.93
N GLY B 239 -18.88 13.14 -18.66
CA GLY B 239 -18.79 11.78 -18.17
C GLY B 239 -18.03 11.62 -16.88
N ASP B 240 -17.06 12.49 -16.60
CA ASP B 240 -16.30 12.36 -15.36
C ASP B 240 -16.83 13.31 -14.26
N ALA B 241 -17.85 14.11 -14.56
CA ALA B 241 -18.33 15.14 -13.66
C ALA B 241 -18.70 14.57 -12.28
N ALA B 242 -18.22 15.22 -11.24
CA ALA B 242 -18.45 14.73 -9.90
C ALA B 242 -18.48 15.90 -8.94
N ILE B 243 -18.76 15.60 -7.67
CA ILE B 243 -18.65 16.59 -6.61
C ILE B 243 -17.25 16.46 -6.04
N SER B 244 -16.43 17.50 -6.19
CA SER B 244 -15.02 17.38 -5.79
C SER B 244 -14.40 18.77 -5.70
N ASP B 245 -13.07 18.83 -5.79
CA ASP B 245 -12.28 20.05 -5.59
C ASP B 245 -12.32 20.95 -6.83
N PRO B 246 -12.87 22.18 -6.74
CA PRO B 246 -13.05 22.96 -7.96
C PRO B 246 -11.73 23.24 -8.66
N ASP B 247 -10.63 23.34 -7.89
CA ASP B 247 -9.31 23.52 -8.46
C ASP B 247 -8.94 22.45 -9.49
N ASN B 248 -9.63 21.30 -9.48
CA ASN B 248 -9.39 20.30 -10.51
C ASN B 248 -9.72 20.82 -11.90
N ASP B 249 -10.65 21.76 -12.02
CA ASP B 249 -11.09 22.24 -13.33
C ASP B 249 -10.11 23.22 -13.95
N PHE B 250 -9.16 23.74 -13.17
CA PHE B 250 -8.08 24.57 -13.66
C PHE B 250 -6.82 23.78 -13.98
N ILE B 251 -6.35 22.95 -13.05
CA ILE B 251 -5.27 22.00 -13.27
C ILE B 251 -5.37 21.42 -14.68
N SER B 252 -6.51 20.78 -14.96
CA SER B 252 -6.67 20.01 -16.20
C SER B 252 -6.44 20.83 -17.47
N LEU B 253 -6.21 22.13 -17.37
CA LEU B 253 -5.90 22.97 -18.51
C LEU B 253 -4.47 23.47 -18.50
N MET B 254 -3.66 23.08 -17.51
CA MET B 254 -2.45 23.83 -17.21
C MET B 254 -1.18 23.29 -17.82
N GLU B 255 -1.16 22.04 -18.29
CA GLU B 255 0.05 21.48 -18.90
C GLU B 255 0.39 22.25 -20.17
N ASP B 256 1.66 22.62 -20.29
CA ASP B 256 2.13 23.43 -21.41
C ASP B 256 2.42 22.62 -22.66
N ASP B 257 2.52 21.30 -22.56
CA ASP B 257 2.50 20.47 -23.77
C ASP B 257 1.11 20.51 -24.39
N GLU B 258 0.19 19.67 -23.90
CA GLU B 258 -1.05 19.43 -24.63
C GLU B 258 -2.23 20.30 -24.20
N GLU B 259 -2.09 21.13 -23.17
CA GLU B 259 -3.18 22.03 -22.77
C GLU B 259 -2.71 23.47 -22.95
N TYR B 260 -3.45 24.42 -22.39
CA TYR B 260 -3.05 25.82 -22.50
C TYR B 260 -1.91 26.12 -21.53
N GLY B 261 -1.27 27.25 -21.73
CA GLY B 261 -0.17 27.62 -20.86
C GLY B 261 -0.64 27.89 -19.46
N MET B 262 0.34 27.98 -18.55
CA MET B 262 0.05 28.58 -17.27
C MET B 262 -0.39 30.03 -17.45
N GLU B 263 0.17 30.72 -18.45
CA GLU B 263 -0.21 32.10 -18.71
C GLU B 263 -1.70 32.23 -18.98
N PHE B 264 -2.24 31.37 -19.83
CA PHE B 264 -3.63 31.50 -20.21
C PHE B 264 -4.54 31.23 -19.02
N VAL B 265 -4.26 30.15 -18.28
CA VAL B 265 -5.10 29.79 -17.14
C VAL B 265 -5.07 30.88 -16.08
N SER B 266 -3.87 31.37 -15.75
CA SER B 266 -3.78 32.50 -14.84
C SER B 266 -4.75 33.61 -15.24
N LYS B 267 -5.01 33.79 -16.54
CA LYS B 267 -6.05 34.71 -16.98
C LYS B 267 -7.43 34.13 -16.72
N ILE B 268 -7.54 32.81 -16.65
CA ILE B 268 -8.79 32.22 -16.23
C ILE B 268 -8.97 32.39 -14.72
N LEU B 269 -7.88 32.29 -13.97
CA LEU B 269 -7.91 32.37 -12.53
C LEU B 269 -8.01 33.80 -12.00
N ASN B 270 -7.82 34.81 -12.85
CA ASN B 270 -8.01 36.17 -12.35
C ASN B 270 -9.43 36.68 -12.59
N HIS B 271 -9.98 36.45 -13.80
CA HIS B 271 -11.39 36.72 -14.04
C HIS B 271 -12.26 36.06 -12.99
N TYR B 272 -11.74 35.00 -12.37
CA TYR B 272 -12.42 34.12 -11.43
C TYR B 272 -12.08 34.49 -9.99
N LYS B 273 -11.51 35.68 -9.75
CA LYS B 273 -11.04 36.11 -8.44
C LYS B 273 -10.14 35.04 -7.81
N HIS B 274 -10.74 34.14 -7.03
CA HIS B 274 -10.08 32.92 -6.57
C HIS B 274 -9.09 33.13 -5.45
N LYS B 275 -8.20 34.12 -5.57
CA LYS B 275 -7.05 34.15 -4.69
C LYS B 275 -6.18 32.91 -4.94
N ASP B 276 -5.60 32.39 -3.87
CA ASP B 276 -4.66 31.26 -3.86
C ASP B 276 -4.33 30.61 -5.20
N ILE B 277 -3.65 31.32 -6.13
CA ILE B 277 -3.05 30.63 -7.29
C ILE B 277 -1.93 29.72 -6.85
N PRO B 278 -1.04 30.11 -5.94
CA PRO B 278 0.00 29.18 -5.47
C PRO B 278 -0.50 27.78 -5.17
N THR B 279 -1.59 27.61 -4.42
CA THR B 279 -2.03 26.25 -4.11
C THR B 279 -2.52 25.53 -5.36
N VAL B 280 -3.21 26.24 -6.26
CA VAL B 280 -3.57 25.62 -7.52
C VAL B 280 -2.34 25.10 -8.24
N LEU B 281 -1.22 25.79 -8.09
CA LEU B 281 0.02 25.28 -8.66
C LEU B 281 0.46 24.00 -7.97
N GLU B 282 0.43 23.99 -6.63
CA GLU B 282 0.83 22.79 -5.87
C GLU B 282 -0.04 21.58 -6.22
N LYS B 283 -1.36 21.78 -6.38
CA LYS B 283 -2.22 20.64 -6.73
C LYS B 283 -1.81 20.05 -8.09
N TYR B 284 -1.54 20.91 -9.07
CA TYR B 284 -1.11 20.43 -10.38
C TYR B 284 0.20 19.67 -10.26
N ARG B 285 1.20 20.27 -9.59
CA ARG B 285 2.48 19.59 -9.42
C ARG B 285 2.29 18.17 -8.92
N MET B 286 1.44 17.98 -7.91
CA MET B 286 1.26 16.63 -7.40
C MET B 286 0.41 15.81 -8.36
N LYS B 287 -0.63 16.43 -8.94
CA LYS B 287 -1.46 15.73 -9.91
C LYS B 287 -0.61 15.18 -11.04
N GLU B 288 0.39 15.97 -11.51
CA GLU B 288 1.30 15.53 -12.58
C GLU B 288 2.10 14.31 -12.11
N LYS B 289 2.68 14.39 -10.89
CA LYS B 289 3.46 13.27 -10.34
C LYS B 289 2.57 12.06 -10.08
N TYR B 290 1.28 12.29 -9.87
CA TYR B 290 0.36 11.19 -9.58
C TYR B 290 -0.10 10.49 -10.85
N TRP B 291 -0.02 11.17 -12.00
CA TRP B 291 -0.52 10.57 -13.24
C TRP B 291 0.12 9.22 -13.48
N SER B 292 1.41 9.09 -13.14
CA SER B 292 2.08 7.81 -13.32
C SER B 292 1.33 6.70 -12.60
N PHE B 293 0.92 6.93 -11.35
CA PHE B 293 0.22 5.86 -10.64
C PHE B 293 -1.14 5.58 -11.28
N GLU B 294 -1.82 6.61 -11.77
CA GLU B 294 -3.05 6.36 -12.52
C GLU B 294 -2.77 5.54 -13.79
N LYS B 295 -1.67 5.85 -14.50
CA LYS B 295 -1.32 5.08 -15.70
C LYS B 295 -1.09 3.60 -15.39
N ILE B 296 -0.69 3.29 -14.16
CA ILE B 296 -0.47 1.90 -13.77
C ILE B 296 -1.80 1.24 -13.41
N ILE B 297 -2.72 1.98 -12.77
CA ILE B 297 -4.00 1.41 -12.34
C ILE B 297 -4.93 1.21 -13.52
N TYR B 298 -5.13 2.26 -14.32
CA TYR B 298 -5.86 2.08 -15.56
C TYR B 298 -5.14 1.08 -16.47
N GLY B 299 -3.81 1.16 -16.52
CA GLY B 299 -3.04 0.21 -17.32
C GLY B 299 -3.47 -1.23 -17.10
N LYS B 300 -3.37 -1.70 -15.86
CA LYS B 300 -3.82 -3.06 -15.58
C LYS B 300 -5.34 -3.18 -15.55
N GLU B 301 -6.05 -2.08 -15.32
CA GLU B 301 -7.51 -2.12 -15.28
C GLU B 301 -8.10 -2.31 -16.66
N TYR B 302 -7.69 -1.50 -17.63
CA TYR B 302 -8.22 -1.57 -18.99
C TYR B 302 -7.39 -2.44 -19.93
N GLY B 303 -6.14 -2.72 -19.58
CA GLY B 303 -5.27 -3.51 -20.42
C GLY B 303 -4.35 -2.74 -21.33
N TYR B 304 -4.31 -1.40 -21.24
CA TYR B 304 -3.36 -0.63 -22.03
C TYR B 304 -1.93 -0.99 -21.61
N MET B 305 -1.34 -2.01 -22.26
CA MET B 305 0.03 -2.40 -21.96
C MET B 305 0.96 -1.19 -21.95
N ASP B 306 0.81 -0.30 -22.93
CA ASP B 306 1.73 0.83 -23.02
C ASP B 306 1.50 1.83 -21.89
N TRP B 307 0.28 1.90 -21.35
CA TRP B 307 0.06 2.77 -20.19
C TRP B 307 0.71 2.20 -18.94
N TYR B 308 0.62 0.88 -18.75
CA TYR B 308 1.34 0.19 -17.66
C TYR B 308 2.84 0.50 -17.72
N GLU B 309 3.49 0.21 -18.86
CA GLU B 309 4.94 0.37 -18.95
C GLU B 309 5.35 1.80 -18.68
N GLU B 310 4.64 2.75 -19.29
CA GLU B 310 4.95 4.16 -19.05
C GLU B 310 4.96 4.49 -17.55
N GLY B 311 3.89 4.13 -16.84
CA GLY B 311 3.86 4.42 -15.41
C GLY B 311 5.08 3.90 -14.67
N LEU B 312 5.52 2.68 -15.01
CA LEU B 312 6.73 2.10 -14.42
C LEU B 312 7.95 2.93 -14.72
N ASN B 313 8.08 3.36 -15.97
CA ASN B 313 9.26 4.13 -16.37
C ASN B 313 9.42 5.36 -15.52
N GLU B 314 8.30 6.02 -15.20
CA GLU B 314 8.33 7.30 -14.55
C GLU B 314 8.56 7.16 -13.05
N ILE B 315 8.09 6.08 -12.44
CA ILE B 315 8.44 5.88 -11.04
C ILE B 315 9.93 5.58 -10.92
N ARG B 316 10.49 4.80 -11.85
CA ARG B 316 11.92 4.59 -11.89
C ARG B 316 12.58 5.83 -12.51
N SER B 317 12.83 6.83 -11.65
CA SER B 317 13.49 8.06 -12.07
C SER B 317 13.62 9.08 -10.94
S DMS C . 37.68 -18.20 18.88
O DMS C . 38.02 -16.80 19.33
C1 DMS C . 38.19 -19.39 20.17
C2 DMS C . 35.88 -18.47 18.91
H11 DMS C . 39.15 -19.14 20.52
H12 DMS C . 38.20 -20.37 19.78
H13 DMS C . 37.50 -19.34 20.97
H21 DMS C . 35.42 -17.92 18.12
H22 DMS C . 35.48 -18.13 19.83
H23 DMS C . 35.67 -19.50 18.78
S DMS D . 20.15 -16.04 18.38
O DMS D . 21.63 -16.12 18.60
C1 DMS D . 19.76 -16.41 16.64
C2 DMS D . 19.28 -17.33 19.34
H11 DMS D . 20.51 -15.99 16.01
H12 DMS D . 18.82 -15.99 16.40
H13 DMS D . 19.73 -17.46 16.49
H21 DMS D . 19.94 -18.14 19.55
H22 DMS D . 18.45 -17.70 18.78
H23 DMS D . 18.93 -16.93 20.25
N14 A1I8X E . 18.11 -27.89 13.21
C13 A1I8X E . 18.34 -26.74 12.49
C12 A1I8X E . 18.40 -25.67 13.34
C7 A1I8X E . 18.65 -24.21 16.21
N9 A1I8X E . 18.23 -22.19 16.93
C10 A1I8X E . 18.39 -25.64 15.95
C2 A1I8X E . 21.12 -20.73 16.50
C4 A1I8X E . 20.43 -21.46 17.64
C6 A1I8X E . 19.83 -23.69 16.64
C18 A1I8X E . 18.33 -26.56 17.01
C11 A1I8X E . 18.23 -26.18 14.66
C15 A1I8X E . 18.04 -27.57 14.53
C17 A1I8X E . 18.23 -27.92 16.77
N1 A1I8X E . 22.23 -20.07 16.79
N16 A1I8X E . 18.01 -28.44 15.55
N5 A1I8X E . 19.54 -22.45 17.07
N8 A1I8X E . 17.69 -23.26 16.40
O3 A1I8X E . 20.65 -20.82 15.37
CL19 A1I8X E . 18.18 -26.00 18.64
H14 A1I8X E . 18.02 -28.71 12.90
H13 A1I8X E . 18.42 -26.77 11.52
H12 A1I8X E . 18.56 -24.74 13.07
H4B A1I8X E . 21.09 -21.90 18.21
H4A A1I8X E . 19.91 -20.83 18.18
H6 A1I8X E . 20.75 -24.05 16.66
H17 A1I8X E . 18.64 -28.55 17.39
H1A A1I8X E . 22.51 -20.08 17.62
H1B A1I8X E . 22.65 -19.65 16.14
S DMS F . 21.55 -30.36 34.79
O DMS F . 20.99 -30.65 33.42
C1 DMS F . 23.35 -30.48 34.87
C2 DMS F . 21.18 -28.70 35.43
H11 DMS F . 23.63 -31.48 35.08
H12 DMS F . 23.71 -29.85 35.64
H13 DMS F . 23.77 -30.19 33.94
H21 DMS F . 20.66 -28.78 36.35
H22 DMS F . 20.58 -28.18 34.74
H23 DMS F . 22.09 -28.17 35.59
S DMS G . 24.56 -17.43 10.52
O DMS G . 25.66 -16.41 10.48
C1 DMS G . 25.02 -18.94 11.43
C2 DMS G . 23.05 -16.86 11.38
H11 DMS G . 26.07 -18.95 11.57
H12 DMS G . 24.73 -19.79 10.86
H13 DMS G . 24.53 -18.95 12.36
H21 DMS G . 22.38 -16.42 10.69
H22 DMS G . 23.30 -16.17 12.13
H23 DMS G . 22.56 -17.70 11.83
S DMS H . 0.38 -4.43 26.56
O DMS H . -0.02 -3.10 27.12
C1 DMS H . 1.78 -5.03 27.53
C2 DMS H . -0.85 -5.71 26.96
H11 DMS H . 2.52 -4.27 27.60
H12 DMS H . 2.19 -5.89 27.06
H13 DMS H . 1.45 -5.28 28.50
H21 DMS H . -1.53 -5.80 26.15
H22 DMS H . -1.37 -5.44 27.84
H23 DMS H . -0.37 -6.64 27.11
S DMS I . 13.65 -34.21 13.41
O DMS I . 14.78 -35.03 12.83
C1 DMS I . 12.40 -33.74 12.15
C2 DMS I . 12.68 -34.99 14.74
H11 DMS I . 11.67 -33.14 12.61
H12 DMS I . 11.95 -34.62 11.77
H13 DMS I . 12.88 -33.21 11.38
H21 DMS I . 11.73 -35.28 14.37
H22 DMS I . 12.55 -34.30 15.53
H23 DMS I . 13.19 -35.84 15.10
S DMS J . -21.99 24.44 -3.27
O DMS J . -22.49 25.08 -4.54
C1 DMS J . -20.34 25.13 -2.90
C2 DMS J . -23.00 24.83 -1.82
H11 DMS J . -20.27 26.10 -3.32
H12 DMS J . -19.59 24.51 -3.33
H13 DMS J . -20.21 25.17 -1.86
H21 DMS J . -23.82 25.43 -2.11
H22 DMS J . -22.41 25.36 -1.11
H23 DMS J . -23.35 23.93 -1.37
S DMS K . -24.06 15.91 -0.90
O DMS K . -24.00 17.42 -1.01
C1 DMS K . -23.80 15.47 0.84
C2 DMS K . -25.79 15.40 -1.07
H11 DMS K . -22.84 15.79 1.15
H12 DMS K . -23.88 14.42 0.95
H13 DMS K . -24.54 15.94 1.44
H21 DMS K . -26.22 15.90 -1.91
H22 DMS K . -26.32 15.66 -0.20
H23 DMS K . -25.84 14.36 -1.22
N14 A1I8X L . -20.12 18.03 -30.58
C13 A1I8X L . -18.83 17.60 -30.65
C12 A1I8X L . -18.65 16.54 -29.81
C7 A1I8X L . -19.31 14.63 -27.39
N9 A1I8X L . -18.22 13.73 -25.71
C10 A1I8X L . -20.29 15.53 -28.06
C2 A1I8X L . -16.14 11.50 -26.35
C4 A1I8X L . -16.21 12.95 -26.81
C6 A1I8X L . -18.20 14.03 -27.91
C18 A1I8X L . -21.55 15.82 -27.55
C11 A1I8X L . -19.90 16.28 -29.19
C15 A1I8X L . -20.80 17.24 -29.70
C17 A1I8X L . -22.31 16.86 -28.06
N1 A1I8X L . -17.27 10.82 -26.35
N16 A1I8X L . -22.00 17.52 -29.19
N5 A1I8X L . -17.56 13.49 -26.86
N8 A1I8X L . -19.29 14.43 -26.04
O3 A1I8X L . -15.06 11.00 -26.01
CL19 A1I8X L . -22.31 14.70 -26.47
H14 A1I8X L . -20.49 18.70 -31.02
H13 A1I8X L . -18.20 18.05 -31.24
H12 A1I8X L . -17.81 16.05 -29.68
H4B A1I8X L . -15.68 13.51 -26.20
H4A A1I8X L . -15.82 13.02 -27.71
H6 A1I8X L . -17.87 13.94 -28.83
H17 A1I8X L . -22.91 17.36 -27.48
H1A A1I8X L . -18.01 11.22 -26.63
H1B A1I8X L . -17.25 9.97 -26.09
S DMS M . -29.12 1.29 -11.80
O DMS M . -30.26 2.24 -12.07
C1 DMS M . -29.32 0.27 -10.30
C2 DMS M . -28.98 0.04 -13.12
H11 DMS M . -28.53 0.44 -9.63
H12 DMS M . -29.33 -0.76 -10.57
H13 DMS M . -30.24 0.51 -9.82
H21 DMS M . -28.88 0.52 -14.06
H22 DMS M . -29.84 -0.58 -13.12
H23 DMS M . -28.13 -0.57 -12.94
S DMS N . -35.76 3.64 -23.61
O DMS N . -35.46 3.33 -22.18
C1 DMS N . -37.54 4.00 -23.80
C2 DMS N . -34.95 5.19 -24.06
H11 DMS N . -38.10 3.13 -23.56
H12 DMS N . -37.74 4.27 -24.80
H13 DMS N . -37.80 4.79 -23.15
H21 DMS N . -34.30 5.02 -24.89
H22 DMS N . -34.40 5.55 -23.23
H23 DMS N . -35.69 5.91 -24.33
S DMS O . -15.54 10.36 -21.29
O DMS O . -16.87 9.91 -20.73
C1 DMS O . -14.18 10.50 -20.09
C2 DMS O . -14.83 9.37 -22.67
H11 DMS O . -13.61 11.38 -20.29
H12 DMS O . -13.55 9.66 -20.16
H13 DMS O . -14.57 10.57 -19.11
H21 DMS O . -13.93 9.82 -23.00
H22 DMS O . -15.52 9.33 -23.47
H23 DMS O . -14.62 8.39 -22.33
#